data_2XUL
#
_entry.id   2XUL
#
_cell.length_a   71.870
_cell.length_b   87.987
_cell.length_c   116.341
_cell.angle_alpha   90.00
_cell.angle_beta   90.00
_cell.angle_gamma   90.00
#
_symmetry.space_group_name_H-M   'P 21 21 21'
#
loop_
_entity.id
_entity.type
_entity.pdbx_description
1 polymer 'NITROGEN REGULATORY PROTEIN P-II'
2 non-polymer "ADENOSINE-5'-TRIPHOSPHATE"
3 non-polymer '2-OXOGLUTARIC ACID'
4 non-polymer 'MAGNESIUM ION'
5 water water
#
_entity_poly.entity_id   1
_entity_poly.type   'polypeptide(L)'
_entity_poly.pdbx_seq_one_letter_code
;MKKIEAIIRPFKLDEVKIALVNAGIVGMTVSEVRGFGRQKGQTERYRGSEYTVEFLQKLKLEIVVEDAQVDTVIDKIVAA
ARTGEIGDGKIFVSPVDQTIRIRTGEKNADAISAW
;
_entity_poly.pdbx_strand_id   A,B,C,D,E,F
#
loop_
_chem_comp.id
_chem_comp.type
_chem_comp.name
_chem_comp.formula
AKG non-polymer '2-OXOGLUTARIC ACID' 'C5 H6 O5'
ATP non-polymer ADENOSINE-5'-TRIPHOSPHATE 'C10 H16 N5 O13 P3'
MG non-polymer 'MAGNESIUM ION' 'Mg 2'
#
# COMPACT_ATOMS: atom_id res chain seq x y z
N MET A 1 4.24 5.32 -7.38
CA MET A 1 5.02 5.33 -8.66
C MET A 1 4.08 5.27 -9.85
N LYS A 2 4.42 6.01 -10.89
CA LYS A 2 3.67 6.07 -12.13
C LYS A 2 4.57 5.83 -13.32
N LYS A 3 4.03 5.23 -14.36
CA LYS A 3 4.65 5.24 -15.68
C LYS A 3 4.05 6.39 -16.50
N ILE A 4 4.90 7.23 -17.09
CA ILE A 4 4.48 8.27 -18.06
C ILE A 4 4.87 7.81 -19.48
N GLU A 5 3.88 7.61 -20.38
CA GLU A 5 4.12 7.27 -21.79
C GLU A 5 3.72 8.47 -22.64
N ALA A 6 4.64 9.01 -23.41
CA ALA A 6 4.36 10.21 -24.21
C ALA A 6 4.74 9.83 -25.60
N ILE A 7 3.83 10.06 -26.52
CA ILE A 7 4.07 9.89 -27.93
C ILE A 7 4.34 11.25 -28.48
N ILE A 8 5.49 11.41 -29.17
CA ILE A 8 5.88 12.76 -29.65
C ILE A 8 6.42 12.69 -31.06
N ARG A 9 6.60 13.87 -31.65
CA ARG A 9 7.27 13.98 -32.90
C ARG A 9 8.71 13.56 -32.75
N PRO A 10 9.25 12.77 -33.73
CA PRO A 10 10.62 12.27 -33.54
C PRO A 10 11.69 13.35 -33.40
N PHE A 11 11.52 14.50 -34.05
CA PHE A 11 12.59 15.52 -34.00
C PHE A 11 12.70 16.20 -32.63
N LYS A 12 11.60 16.18 -31.89
CA LYS A 12 11.56 16.69 -30.51
C LYS A 12 12.29 15.84 -29.41
N LEU A 13 12.73 14.63 -29.73
CA LEU A 13 13.46 13.77 -28.75
C LEU A 13 14.56 14.51 -27.93
N ASP A 14 15.46 15.17 -28.64
CA ASP A 14 16.53 15.89 -27.96
C ASP A 14 16.08 16.93 -26.95
N GLU A 15 15.12 17.75 -27.35
CA GLU A 15 14.67 18.83 -26.46
C GLU A 15 13.96 18.21 -25.26
N VAL A 16 13.14 17.21 -25.52
CA VAL A 16 12.46 16.54 -24.42
C VAL A 16 13.45 15.93 -23.43
N LYS A 17 14.44 15.21 -23.94
CA LYS A 17 15.48 14.61 -23.11
C LYS A 17 16.22 15.66 -22.24
N ILE A 18 16.57 16.77 -22.86
CA ILE A 18 17.31 17.80 -22.14
C ILE A 18 16.44 18.41 -21.03
N ALA A 19 15.20 18.73 -21.34
CA ALA A 19 14.30 19.29 -20.35
C ALA A 19 14.09 18.32 -19.13
N LEU A 20 14.02 17.02 -19.41
CA LEU A 20 13.77 16.08 -18.32
C LEU A 20 14.97 15.93 -17.41
N VAL A 21 16.14 15.79 -18.02
CA VAL A 21 17.39 15.61 -17.28
C VAL A 21 17.71 16.85 -16.44
N ASN A 22 17.52 18.02 -17.04
CA ASN A 22 17.69 19.27 -16.31
C ASN A 22 16.75 19.42 -15.14
N ALA A 23 15.65 18.68 -15.14
CA ALA A 23 14.71 18.80 -14.03
C ALA A 23 14.92 17.64 -13.07
N GLY A 24 15.99 16.85 -13.24
CA GLY A 24 16.33 15.74 -12.30
C GLY A 24 15.60 14.45 -12.59
N ILE A 25 15.01 14.36 -13.78
CA ILE A 25 14.33 13.16 -14.19
C ILE A 25 15.32 12.42 -15.05
N VAL A 26 16.03 11.45 -14.50
CA VAL A 26 17.02 10.80 -15.32
C VAL A 26 16.80 9.30 -15.39
N GLY A 27 16.19 8.87 -16.50
CA GLY A 27 15.99 7.44 -16.71
C GLY A 27 14.81 7.45 -17.59
N MET A 28 14.97 6.92 -18.81
CA MET A 28 13.85 6.85 -19.77
C MET A 28 14.11 5.82 -20.86
N THR A 29 13.01 5.37 -21.47
CA THR A 29 13.05 4.37 -22.47
C THR A 29 12.34 4.90 -23.71
N VAL A 30 13.04 4.81 -24.85
CA VAL A 30 12.55 5.36 -26.12
C VAL A 30 12.37 4.24 -27.15
N SER A 31 11.22 4.23 -27.82
CA SER A 31 11.06 3.37 -28.98
C SER A 31 10.36 4.02 -30.16
N GLU A 32 10.62 3.45 -31.34
CA GLU A 32 9.96 3.89 -32.55
C GLU A 32 8.57 3.26 -32.74
N VAL A 33 7.58 4.10 -33.06
CA VAL A 33 6.20 3.68 -33.16
C VAL A 33 5.63 4.33 -34.35
N ARG A 34 4.50 3.83 -34.82
CA ARG A 34 3.69 4.57 -35.82
C ARG A 34 2.34 4.85 -35.18
N GLY A 35 1.67 5.91 -35.60
CA GLY A 35 0.32 6.11 -35.08
C GLY A 35 -0.53 7.13 -35.79
N PHE A 36 -1.78 7.22 -35.37
CA PHE A 36 -2.63 8.34 -35.73
C PHE A 36 -3.48 8.75 -34.53
N GLY A 37 -4.02 9.97 -34.60
CA GLY A 37 -4.93 10.51 -33.59
C GLY A 37 -6.29 10.76 -34.23
N ARG A 38 -7.02 11.78 -33.70
CA ARG A 38 -8.35 12.21 -34.22
C ARG A 38 -8.35 12.45 -35.73
N GLN A 39 -7.27 12.96 -36.27
CA GLN A 39 -7.31 13.28 -37.70
C GLN A 39 -6.88 12.10 -38.60
N LYS A 40 -6.70 10.91 -38.03
CA LYS A 40 -6.53 9.69 -38.87
C LYS A 40 -5.32 9.75 -39.83
N GLY A 41 -4.25 10.40 -39.36
CA GLY A 41 -3.01 10.51 -40.11
C GLY A 41 -2.98 11.58 -41.19
N GLN A 42 -3.97 12.45 -41.27
CA GLN A 42 -4.00 13.49 -42.33
C GLN A 42 -3.30 14.76 -41.87
N THR A 43 -2.16 15.11 -42.49
CA THR A 43 -1.35 16.27 -42.11
C THR A 43 -2.09 17.59 -42.32
N TYR A 51 -12.38 9.62 -45.26
CA TYR A 51 -11.05 9.60 -45.86
C TYR A 51 -10.32 8.31 -45.50
N THR A 52 -9.25 8.04 -46.25
CA THR A 52 -8.31 6.94 -45.96
C THR A 52 -7.65 7.19 -44.60
N VAL A 53 -7.01 6.18 -44.01
CA VAL A 53 -6.37 6.42 -42.73
C VAL A 53 -4.92 5.91 -42.65
N GLU A 54 -4.02 6.79 -42.21
CA GLU A 54 -2.59 6.55 -42.28
C GLU A 54 -1.95 6.60 -40.91
N PHE A 55 -0.88 5.85 -40.79
CA PHE A 55 0.00 5.85 -39.63
C PHE A 55 1.20 6.74 -39.87
N LEU A 56 1.58 7.57 -38.89
CA LEU A 56 2.72 8.48 -39.00
C LEU A 56 3.82 8.06 -38.03
N GLN A 57 5.10 8.33 -38.37
CA GLN A 57 6.20 7.95 -37.47
C GLN A 57 6.16 8.82 -36.26
N LYS A 58 6.20 8.21 -35.07
CA LYS A 58 6.30 8.98 -33.83
C LYS A 58 7.36 8.38 -32.95
N LEU A 59 7.65 9.01 -31.81
CA LEU A 59 8.51 8.38 -30.82
C LEU A 59 7.68 8.22 -29.57
N LYS A 60 7.86 7.09 -28.91
CA LYS A 60 7.23 6.80 -27.64
C LYS A 60 8.26 6.92 -26.52
N LEU A 61 8.05 7.85 -25.57
CA LEU A 61 8.93 7.92 -24.43
C LEU A 61 8.31 7.26 -23.24
N GLU A 62 9.05 6.44 -22.51
CA GLU A 62 8.52 5.86 -21.27
C GLU A 62 9.32 6.32 -20.08
N ILE A 63 8.65 6.81 -19.05
CA ILE A 63 9.37 7.39 -17.93
C ILE A 63 8.70 7.02 -16.60
N VAL A 64 9.40 6.26 -15.76
CA VAL A 64 8.83 5.88 -14.47
C VAL A 64 9.38 6.79 -13.40
N VAL A 65 8.47 7.40 -12.62
CA VAL A 65 8.87 8.24 -11.50
C VAL A 65 7.97 8.02 -10.28
N GLU A 66 8.39 8.60 -9.15
CA GLU A 66 7.58 8.67 -7.90
C GLU A 66 6.38 9.61 -8.13
N ASP A 67 5.25 9.35 -7.48
CA ASP A 67 4.03 10.12 -7.75
C ASP A 67 4.30 11.62 -7.66
N ALA A 68 5.28 12.03 -6.81
CA ALA A 68 5.52 13.46 -6.57
C ALA A 68 6.06 14.17 -7.81
N GLN A 69 6.65 13.39 -8.68
CA GLN A 69 7.32 13.93 -9.87
C GLN A 69 6.43 13.96 -11.13
N VAL A 70 5.25 13.36 -11.08
CA VAL A 70 4.44 13.19 -12.29
C VAL A 70 4.14 14.52 -12.98
N ASP A 71 3.62 15.50 -12.25
CA ASP A 71 3.27 16.81 -12.88
C ASP A 71 4.51 17.50 -13.47
N THR A 72 5.67 17.30 -12.84
CA THR A 72 6.93 17.80 -13.36
C THR A 72 7.23 17.17 -14.72
N VAL A 73 7.16 15.85 -14.80
CA VAL A 73 7.40 15.16 -16.04
C VAL A 73 6.42 15.65 -17.11
N ILE A 74 5.14 15.80 -16.75
CA ILE A 74 4.14 16.22 -17.74
C ILE A 74 4.44 17.61 -18.30
N ASP A 75 4.63 18.61 -17.41
CA ASP A 75 4.98 19.97 -17.85
C ASP A 75 6.18 20.03 -18.73
N LYS A 76 7.28 19.39 -18.34
CA LYS A 76 8.49 19.42 -19.16
C LYS A 76 8.33 18.82 -20.56
N ILE A 77 7.66 17.67 -20.67
CA ILE A 77 7.37 17.11 -21.99
C ILE A 77 6.48 18.04 -22.84
N VAL A 78 5.38 18.52 -22.26
CA VAL A 78 4.51 19.43 -22.95
C VAL A 78 5.32 20.63 -23.44
N ALA A 79 6.06 21.28 -22.53
CA ALA A 79 6.82 22.49 -22.91
C ALA A 79 7.82 22.18 -24.03
N ALA A 80 8.41 21.00 -23.95
CA ALA A 80 9.46 20.66 -24.85
C ALA A 80 8.92 20.15 -26.21
N ALA A 81 7.79 19.45 -26.20
CA ALA A 81 7.29 18.79 -27.40
C ALA A 81 6.24 19.59 -28.20
N ARG A 82 5.57 20.55 -27.58
CA ARG A 82 4.55 21.37 -28.25
C ARG A 82 5.16 22.23 -29.37
N THR A 83 4.59 22.12 -30.57
CA THR A 83 4.88 23.04 -31.66
C THR A 83 3.64 23.83 -31.87
N GLY A 84 2.51 23.31 -31.36
CA GLY A 84 1.21 23.96 -31.65
C GLY A 84 0.46 23.49 -32.91
N GLU A 85 1.02 22.55 -33.70
CA GLU A 85 0.30 22.00 -34.90
C GLU A 85 -0.25 20.67 -34.55
N ILE A 86 -1.22 20.17 -35.30
CA ILE A 86 -1.84 18.89 -34.93
C ILE A 86 -0.82 17.77 -34.99
N GLY A 87 -0.92 16.80 -34.07
CA GLY A 87 0.02 15.66 -34.06
C GLY A 87 1.22 15.82 -33.13
N ASP A 88 1.15 16.83 -32.25
CA ASP A 88 2.17 17.10 -31.23
C ASP A 88 2.34 16.00 -30.18
N GLY A 89 1.35 15.14 -30.04
CA GLY A 89 1.47 14.03 -29.14
C GLY A 89 0.39 13.97 -28.09
N LYS A 90 0.53 12.91 -27.31
CA LYS A 90 -0.42 12.53 -26.30
C LYS A 90 0.38 11.80 -25.26
N ILE A 91 -0.03 11.97 -24.01
CA ILE A 91 0.67 11.42 -22.83
C ILE A 91 -0.30 10.58 -21.99
N PHE A 92 0.12 9.37 -21.57
CA PHE A 92 -0.72 8.48 -20.80
C PHE A 92 0.02 8.17 -19.51
N VAL A 93 -0.63 8.50 -18.37
CA VAL A 93 -0.07 8.19 -17.07
C VAL A 93 -0.71 6.88 -16.56
N SER A 94 0.11 5.90 -16.15
CA SER A 94 -0.44 4.62 -15.67
C SER A 94 0.26 4.17 -14.34
N PRO A 95 -0.40 3.34 -13.51
CA PRO A 95 0.18 2.98 -12.23
C PRO A 95 1.32 1.96 -12.35
N VAL A 96 2.35 2.07 -11.49
CA VAL A 96 3.40 1.06 -11.43
C VAL A 96 3.41 0.55 -10.02
N ASP A 97 3.18 -0.75 -9.81
CA ASP A 97 3.18 -1.35 -8.47
C ASP A 97 4.55 -1.55 -7.85
N GLN A 98 5.62 -1.66 -8.65
CA GLN A 98 6.94 -2.11 -8.14
C GLN A 98 7.99 -1.87 -9.23
N THR A 99 9.17 -1.37 -8.84
CA THR A 99 10.36 -1.16 -9.69
C THR A 99 11.58 -1.89 -9.02
N ILE A 100 12.35 -2.62 -9.82
CA ILE A 100 13.54 -3.36 -9.33
C ILE A 100 14.71 -3.03 -10.28
N ARG A 101 15.80 -2.47 -9.72
CA ARG A 101 17.05 -2.29 -10.42
C ARG A 101 17.71 -3.67 -10.54
N ILE A 102 18.06 -4.11 -11.72
CA ILE A 102 18.59 -5.51 -11.87
C ILE A 102 19.99 -5.76 -11.21
N ARG A 103 20.90 -4.81 -11.39
CA ARG A 103 22.26 -4.90 -10.86
C ARG A 103 22.31 -5.21 -9.37
N THR A 104 21.47 -4.53 -8.60
CA THR A 104 21.57 -4.46 -7.16
C THR A 104 20.39 -5.09 -6.44
N GLY A 105 19.23 -5.19 -7.10
CA GLY A 105 18.02 -5.74 -6.49
C GLY A 105 17.24 -4.72 -5.64
N GLU A 106 17.72 -3.48 -5.59
CA GLU A 106 16.98 -2.43 -4.94
C GLU A 106 15.57 -2.27 -5.54
N LYS A 107 14.60 -1.96 -4.69
CA LYS A 107 13.20 -1.85 -5.05
C LYS A 107 12.65 -0.42 -4.91
N ASN A 108 11.69 -0.08 -5.74
CA ASN A 108 10.83 1.11 -5.56
C ASN A 108 11.53 2.46 -5.55
N ALA A 109 11.36 3.24 -4.49
CA ALA A 109 11.96 4.58 -4.36
C ALA A 109 13.46 4.55 -4.67
N ASP A 110 14.14 3.53 -4.15
CA ASP A 110 15.58 3.30 -4.29
C ASP A 110 16.00 2.93 -5.71
N ALA A 111 15.07 2.33 -6.45
CA ALA A 111 15.30 1.89 -7.83
C ALA A 111 15.03 3.00 -8.87
N ILE A 112 14.38 4.09 -8.42
CA ILE A 112 14.00 5.24 -9.28
C ILE A 112 14.83 6.56 -9.13
N SER A 113 15.22 6.92 -7.89
CA SER A 113 15.89 8.21 -7.55
C SER A 113 16.83 8.88 -8.59
N MET B 1 -10.61 5.24 -17.86
CA MET B 1 -9.69 5.15 -19.03
C MET B 1 -8.91 3.82 -18.94
N LYS B 2 -8.70 3.15 -20.08
CA LYS B 2 -8.04 1.86 -20.13
C LYS B 2 -7.16 1.91 -21.34
N LYS B 3 -6.00 1.26 -21.22
CA LYS B 3 -5.15 1.01 -22.36
C LYS B 3 -5.47 -0.42 -22.81
N ILE B 4 -5.67 -0.55 -24.11
CA ILE B 4 -5.86 -1.89 -24.66
C ILE B 4 -4.61 -2.15 -25.46
N GLU B 5 -3.89 -3.19 -25.09
CA GLU B 5 -2.80 -3.65 -25.88
C GLU B 5 -3.16 -4.95 -26.51
N ALA B 6 -2.99 -4.99 -27.82
CA ALA B 6 -3.29 -6.17 -28.62
C ALA B 6 -2.03 -6.53 -29.42
N ILE B 7 -1.59 -7.76 -29.26
CA ILE B 7 -0.50 -8.33 -30.05
C ILE B 7 -1.12 -9.16 -31.18
N ILE B 8 -0.90 -8.78 -32.45
CA ILE B 8 -1.60 -9.45 -33.57
C ILE B 8 -0.59 -9.83 -34.65
N ARG B 9 -1.06 -10.58 -35.65
CA ARG B 9 -0.26 -10.92 -36.81
C ARG B 9 -0.07 -9.67 -37.65
N PRO B 10 1.16 -9.44 -38.18
CA PRO B 10 1.41 -8.14 -38.84
C PRO B 10 0.49 -7.86 -40.01
N PHE B 11 0.16 -8.87 -40.82
CA PHE B 11 -0.67 -8.59 -42.01
C PHE B 11 -2.11 -8.19 -41.69
N LYS B 12 -2.57 -8.49 -40.47
CA LYS B 12 -3.89 -7.99 -39.98
C LYS B 12 -4.01 -6.50 -39.58
N LEU B 13 -2.94 -5.73 -39.71
CA LEU B 13 -2.99 -4.36 -39.18
C LEU B 13 -4.15 -3.63 -39.85
N ASP B 14 -4.21 -3.74 -41.18
CA ASP B 14 -5.17 -2.95 -41.92
C ASP B 14 -6.60 -3.31 -41.59
N GLU B 15 -6.92 -4.62 -41.55
CA GLU B 15 -8.25 -5.06 -41.19
C GLU B 15 -8.58 -4.47 -39.79
N VAL B 16 -7.66 -4.56 -38.83
CA VAL B 16 -7.94 -4.03 -37.50
C VAL B 16 -8.18 -2.51 -37.49
N LYS B 17 -7.30 -1.77 -38.16
CA LYS B 17 -7.41 -0.32 -38.27
C LYS B 17 -8.80 0.05 -38.81
N ILE B 18 -9.21 -0.56 -39.94
CA ILE B 18 -10.53 -0.29 -40.55
C ILE B 18 -11.72 -0.59 -39.57
N ALA B 19 -11.71 -1.76 -38.95
CA ALA B 19 -12.78 -2.22 -38.06
C ALA B 19 -12.92 -1.26 -36.84
N LEU B 20 -11.79 -0.84 -36.32
CA LEU B 20 -11.79 -0.03 -35.15
C LEU B 20 -12.28 1.41 -35.45
N VAL B 21 -11.74 2.03 -36.49
CA VAL B 21 -12.09 3.40 -36.88
C VAL B 21 -13.59 3.50 -37.25
N ASN B 22 -14.08 2.46 -37.93
CA ASN B 22 -15.50 2.38 -38.28
C ASN B 22 -16.39 2.15 -37.08
N ALA B 23 -15.81 1.79 -35.92
CA ALA B 23 -16.60 1.64 -34.69
C ALA B 23 -16.44 2.85 -33.80
N GLY B 24 -15.80 3.89 -34.31
CA GLY B 24 -15.62 5.13 -33.56
C GLY B 24 -14.41 5.14 -32.66
N ILE B 25 -13.51 4.16 -32.82
CA ILE B 25 -12.30 4.15 -32.02
C ILE B 25 -11.19 4.71 -32.88
N VAL B 26 -10.89 6.00 -32.68
CA VAL B 26 -9.94 6.75 -33.45
C VAL B 26 -8.72 7.34 -32.62
N GLY B 27 -7.62 6.64 -32.65
CA GLY B 27 -6.44 7.00 -31.90
C GLY B 27 -5.79 5.67 -31.67
N MET B 28 -4.61 5.49 -32.23
CA MET B 28 -3.85 4.26 -31.99
C MET B 28 -2.36 4.34 -32.27
N THR B 29 -1.62 3.55 -31.52
CA THR B 29 -0.15 3.48 -31.59
C THR B 29 0.30 2.05 -31.91
N VAL B 30 1.14 1.91 -32.93
CA VAL B 30 1.58 0.61 -33.40
C VAL B 30 3.10 0.50 -33.36
N SER B 31 3.58 -0.66 -32.95
CA SER B 31 5.02 -0.95 -32.94
C SER B 31 5.25 -2.39 -33.28
N GLU B 32 6.49 -2.62 -33.71
CA GLU B 32 6.93 -3.91 -34.18
C GLU B 32 7.58 -4.62 -32.99
N VAL B 33 7.20 -5.85 -32.75
CA VAL B 33 7.67 -6.58 -31.61
C VAL B 33 7.91 -8.01 -32.09
N ARG B 34 8.46 -8.87 -31.23
CA ARG B 34 8.62 -10.25 -31.52
C ARG B 34 8.04 -10.97 -30.30
N GLY B 35 7.54 -12.19 -30.48
CA GLY B 35 6.94 -12.86 -29.35
C GLY B 35 6.79 -14.34 -29.57
N PHE B 36 6.43 -15.00 -28.48
CA PHE B 36 5.87 -16.34 -28.49
C PHE B 36 4.82 -16.47 -27.38
N GLY B 37 3.86 -17.37 -27.58
CA GLY B 37 2.85 -17.65 -26.56
C GLY B 37 3.07 -19.07 -26.05
N ARG B 38 1.97 -19.80 -25.84
CA ARG B 38 2.01 -21.11 -25.18
C ARG B 38 2.72 -22.14 -26.03
N GLN B 39 2.70 -21.97 -27.35
CA GLN B 39 3.34 -22.96 -28.25
C GLN B 39 4.78 -22.61 -28.61
N LYS B 40 5.34 -21.57 -27.98
CA LYS B 40 6.82 -21.36 -27.99
C LYS B 40 7.43 -21.05 -29.37
N GLY B 41 6.69 -20.33 -30.19
CA GLY B 41 7.13 -20.01 -31.55
C GLY B 41 7.10 -21.13 -32.59
N GLN B 42 6.42 -22.23 -32.29
CA GLN B 42 6.37 -23.37 -33.26
C GLN B 42 5.14 -23.46 -34.22
N THR B 43 4.70 -24.67 -34.59
CA THR B 43 3.50 -24.78 -35.48
C THR B 43 2.48 -25.85 -35.07
N GLY B 48 7.12 -34.38 -37.81
CA GLY B 48 8.18 -33.42 -37.45
C GLY B 48 8.00 -32.75 -36.09
N SER B 49 9.10 -32.68 -35.33
CA SER B 49 9.12 -31.98 -34.01
C SER B 49 10.23 -30.89 -33.93
N GLU B 50 10.17 -30.05 -32.90
CA GLU B 50 10.99 -28.79 -32.85
C GLU B 50 11.32 -28.33 -31.41
N TYR B 51 12.57 -27.93 -31.16
CA TYR B 51 13.05 -27.79 -29.78
C TYR B 51 13.49 -26.43 -29.29
N THR B 52 13.71 -25.50 -30.21
CA THR B 52 14.07 -24.17 -29.74
C THR B 52 12.80 -23.31 -29.55
N VAL B 53 12.79 -22.50 -28.51
CA VAL B 53 11.75 -21.48 -28.42
C VAL B 53 12.17 -20.24 -29.26
N GLU B 54 11.34 -19.92 -30.26
CA GLU B 54 11.59 -18.85 -31.21
C GLU B 54 10.62 -17.70 -31.01
N PHE B 55 11.14 -16.52 -31.31
CA PHE B 55 10.34 -15.32 -31.37
C PHE B 55 9.82 -15.11 -32.79
N LEU B 56 8.52 -14.84 -32.92
CA LEU B 56 7.91 -14.56 -34.20
C LEU B 56 7.53 -13.08 -34.30
N GLN B 57 7.46 -12.56 -35.52
CA GLN B 57 7.14 -11.15 -35.73
C GLN B 57 5.68 -10.91 -35.48
N LYS B 58 5.38 -9.89 -34.72
CA LYS B 58 4.03 -9.52 -34.39
C LYS B 58 3.93 -8.00 -34.39
N LEU B 59 2.69 -7.47 -34.39
CA LEU B 59 2.47 -6.04 -34.21
C LEU B 59 1.75 -5.80 -32.88
N LYS B 60 2.21 -4.78 -32.15
CA LYS B 60 1.57 -4.36 -30.92
C LYS B 60 0.70 -3.14 -31.16
N LEU B 61 -0.62 -3.26 -30.97
CA LEU B 61 -1.50 -2.11 -30.96
C LEU B 61 -1.83 -1.61 -29.56
N GLU B 62 -1.78 -0.29 -29.40
CA GLU B 62 -2.09 0.34 -28.12
C GLU B 62 -3.14 1.38 -28.39
N ILE B 63 -4.27 1.23 -27.70
CA ILE B 63 -5.44 2.04 -27.95
C ILE B 63 -5.96 2.48 -26.59
N VAL B 64 -6.00 3.78 -26.35
CA VAL B 64 -6.52 4.26 -25.08
C VAL B 64 -7.91 4.82 -25.36
N VAL B 65 -8.88 4.43 -24.52
CA VAL B 65 -10.28 4.74 -24.70
C VAL B 65 -10.90 4.94 -23.37
N GLU B 66 -12.13 5.44 -23.40
CA GLU B 66 -12.94 5.54 -22.23
C GLU B 66 -13.44 4.14 -21.85
N ASP B 67 -13.72 3.92 -20.57
CA ASP B 67 -14.20 2.62 -20.06
C ASP B 67 -15.36 2.05 -20.87
N ALA B 68 -16.30 2.92 -21.28
CA ALA B 68 -17.48 2.45 -22.02
C ALA B 68 -17.14 1.90 -23.41
N GLN B 69 -15.93 2.15 -23.91
CA GLN B 69 -15.54 1.60 -25.21
C GLN B 69 -14.75 0.32 -25.17
N VAL B 70 -14.33 -0.12 -23.99
CA VAL B 70 -13.46 -1.31 -23.91
C VAL B 70 -14.08 -2.53 -24.64
N ASP B 71 -15.39 -2.77 -24.42
CA ASP B 71 -16.04 -3.93 -25.07
C ASP B 71 -15.97 -3.88 -26.61
N THR B 72 -16.18 -2.69 -27.18
CA THR B 72 -16.16 -2.49 -28.63
C THR B 72 -14.82 -2.75 -29.22
N VAL B 73 -13.79 -2.23 -28.55
CA VAL B 73 -12.43 -2.42 -28.95
C VAL B 73 -12.08 -3.90 -28.93
N ILE B 74 -12.47 -4.63 -27.92
CA ILE B 74 -12.14 -6.05 -27.86
C ILE B 74 -12.90 -6.76 -29.00
N ASP B 75 -14.16 -6.45 -29.18
CA ASP B 75 -14.93 -7.15 -30.20
C ASP B 75 -14.30 -6.96 -31.59
N LYS B 76 -13.87 -5.73 -31.88
CA LYS B 76 -13.48 -5.38 -33.21
C LYS B 76 -12.12 -6.00 -33.44
N ILE B 77 -11.26 -5.99 -32.40
CA ILE B 77 -9.95 -6.63 -32.46
C ILE B 77 -10.09 -8.14 -32.70
N VAL B 78 -10.97 -8.81 -31.97
CA VAL B 78 -11.19 -10.23 -32.17
C VAL B 78 -11.69 -10.56 -33.60
N ALA B 79 -12.61 -9.75 -34.09
CA ALA B 79 -13.25 -10.08 -35.35
C ALA B 79 -12.25 -9.82 -36.46
N ALA B 80 -11.44 -8.77 -36.36
CA ALA B 80 -10.51 -8.41 -37.43
C ALA B 80 -9.27 -9.30 -37.49
N ALA B 81 -8.77 -9.71 -36.34
CA ALA B 81 -7.45 -10.39 -36.20
C ALA B 81 -7.48 -11.91 -36.15
N ARG B 82 -8.65 -12.48 -35.84
CA ARG B 82 -8.78 -13.92 -35.66
C ARG B 82 -8.52 -14.60 -37.00
N THR B 83 -7.91 -15.78 -37.02
CA THR B 83 -7.84 -16.59 -38.24
C THR B 83 -8.18 -18.02 -37.88
N GLY B 84 -8.08 -18.38 -36.60
CA GLY B 84 -8.37 -19.73 -36.14
C GLY B 84 -7.16 -20.63 -35.97
N GLU B 85 -6.00 -20.12 -36.37
CA GLU B 85 -4.70 -20.81 -36.21
C GLU B 85 -4.00 -20.26 -34.99
N ILE B 86 -3.24 -21.08 -34.28
CA ILE B 86 -2.48 -20.58 -33.14
C ILE B 86 -1.61 -19.38 -33.53
N GLY B 87 -1.36 -18.51 -32.55
CA GLY B 87 -0.57 -17.31 -32.75
C GLY B 87 -1.40 -16.10 -33.11
N ASP B 88 -2.74 -16.27 -33.13
CA ASP B 88 -3.66 -15.17 -33.51
C ASP B 88 -3.48 -13.93 -32.63
N GLY B 89 -3.06 -14.10 -31.38
CA GLY B 89 -2.83 -12.89 -30.58
C GLY B 89 -3.50 -12.87 -29.22
N LYS B 90 -3.15 -11.84 -28.47
CA LYS B 90 -3.55 -11.69 -27.10
C LYS B 90 -3.85 -10.23 -26.91
N ILE B 91 -4.88 -9.95 -26.10
CA ILE B 91 -5.26 -8.59 -25.72
C ILE B 91 -5.12 -8.40 -24.19
N PHE B 92 -4.44 -7.32 -23.79
CA PHE B 92 -4.27 -6.94 -22.38
C PHE B 92 -4.91 -5.59 -22.09
N VAL B 93 -5.73 -5.54 -21.05
CA VAL B 93 -6.37 -4.28 -20.66
C VAL B 93 -5.81 -3.81 -19.34
N SER B 94 -5.50 -2.54 -19.25
CA SER B 94 -4.88 -2.05 -18.02
C SER B 94 -5.31 -0.59 -17.79
N PRO B 95 -5.23 -0.12 -16.54
CA PRO B 95 -5.81 1.19 -16.27
C PRO B 95 -4.94 2.38 -16.70
N VAL B 96 -5.62 3.49 -16.99
CA VAL B 96 -4.95 4.74 -17.29
C VAL B 96 -5.45 5.83 -16.30
N ASP B 97 -4.55 6.44 -15.53
CA ASP B 97 -4.99 7.46 -14.57
C ASP B 97 -5.31 8.82 -15.22
N GLN B 98 -4.63 9.12 -16.31
CA GLN B 98 -4.57 10.47 -16.84
C GLN B 98 -4.10 10.46 -18.30
N THR B 99 -4.81 11.21 -19.14
CA THR B 99 -4.42 11.39 -20.53
C THR B 99 -4.27 12.88 -20.77
N ILE B 100 -3.21 13.30 -21.51
CA ILE B 100 -2.98 14.71 -21.84
C ILE B 100 -2.64 14.84 -23.35
N ARG B 101 -3.41 15.64 -24.05
CA ARG B 101 -3.09 16.04 -25.42
C ARG B 101 -2.09 17.20 -25.38
N ILE B 102 -0.92 16.92 -25.92
CA ILE B 102 0.20 17.87 -25.85
C ILE B 102 -0.08 19.21 -26.55
N ARG B 103 -0.75 19.21 -27.70
CA ARG B 103 -0.96 20.50 -28.40
C ARG B 103 -1.68 21.55 -27.53
N THR B 104 -2.76 21.12 -26.88
CA THR B 104 -3.63 22.02 -26.15
C THR B 104 -3.53 21.94 -24.65
N GLY B 105 -3.10 20.79 -24.12
CA GLY B 105 -3.09 20.56 -22.67
C GLY B 105 -4.43 20.01 -22.16
N GLU B 106 -5.35 19.73 -23.08
CA GLU B 106 -6.64 19.10 -22.72
C GLU B 106 -6.37 17.78 -22.08
N LYS B 107 -7.25 17.38 -21.16
CA LYS B 107 -7.04 16.18 -20.35
C LYS B 107 -8.19 15.21 -20.44
N ASN B 108 -7.86 13.96 -20.16
CA ASN B 108 -8.83 12.87 -19.93
C ASN B 108 -9.90 12.82 -21.01
N ALA B 109 -11.15 13.20 -20.69
CA ALA B 109 -12.21 12.95 -21.66
C ALA B 109 -12.01 13.74 -22.95
N ASP B 110 -11.72 15.04 -22.81
CA ASP B 110 -11.43 15.88 -23.96
C ASP B 110 -10.29 15.30 -24.84
N ALA B 111 -9.24 14.82 -24.20
CA ALA B 111 -8.03 14.42 -24.90
C ALA B 111 -8.16 13.03 -25.58
N ILE B 112 -9.17 12.27 -25.18
CA ILE B 112 -9.51 11.00 -25.81
C ILE B 112 -10.59 11.15 -26.89
N SER B 113 -11.46 12.16 -26.77
CA SER B 113 -12.53 12.46 -27.72
C SER B 113 -12.00 12.86 -29.08
N ALA B 114 -12.87 12.87 -30.07
CA ALA B 114 -12.50 13.49 -31.33
C ALA B 114 -12.59 15.03 -31.38
N TRP B 115 -12.97 15.67 -30.27
CA TRP B 115 -13.28 17.12 -30.22
C TRP B 115 -12.09 17.91 -29.67
N MET C 1 -3.83 -10.14 -11.99
CA MET C 1 -2.80 -10.31 -13.05
C MET C 1 -1.87 -9.10 -13.16
N LYS C 2 -0.64 -9.31 -13.65
CA LYS C 2 0.36 -8.24 -13.66
C LYS C 2 1.11 -8.31 -14.97
N LYS C 3 1.54 -7.15 -15.45
CA LYS C 3 2.56 -7.07 -16.48
C LYS C 3 3.91 -6.76 -15.85
N ILE C 4 4.93 -7.56 -16.17
CA ILE C 4 6.32 -7.35 -15.78
C ILE C 4 6.98 -6.87 -17.06
N GLU C 5 7.65 -5.72 -16.99
CA GLU C 5 8.33 -5.11 -18.10
C GLU C 5 9.81 -5.08 -17.68
N ALA C 6 10.70 -5.77 -18.36
CA ALA C 6 12.09 -5.76 -17.95
C ALA C 6 12.94 -5.20 -19.09
N ILE C 7 13.75 -4.16 -18.81
CA ILE C 7 14.65 -3.59 -19.81
C ILE C 7 15.99 -4.25 -19.53
N ILE C 8 16.58 -4.93 -20.51
CA ILE C 8 17.82 -5.66 -20.21
C ILE C 8 18.86 -5.41 -21.29
N ARG C 9 20.11 -5.74 -21.00
CA ARG C 9 21.15 -5.78 -22.10
C ARG C 9 20.68 -6.71 -23.23
N PRO C 10 20.80 -6.29 -24.49
CA PRO C 10 20.34 -7.16 -25.58
C PRO C 10 20.94 -8.59 -25.55
N PHE C 11 22.18 -8.74 -25.11
CA PHE C 11 22.79 -10.08 -25.25
C PHE C 11 22.22 -11.09 -24.27
N LYS C 12 21.47 -10.56 -23.30
CA LYS C 12 20.97 -11.40 -22.22
C LYS C 12 19.62 -12.02 -22.53
N LEU C 13 19.05 -11.68 -23.68
CA LEU C 13 17.71 -12.19 -24.02
C LEU C 13 17.67 -13.73 -24.00
N ASP C 14 18.62 -14.40 -24.63
CA ASP C 14 18.55 -15.85 -24.69
C ASP C 14 18.42 -16.53 -23.33
N GLU C 15 19.31 -16.14 -22.40
CA GLU C 15 19.34 -16.66 -21.04
C GLU C 15 18.08 -16.36 -20.27
N VAL C 16 17.60 -15.13 -20.43
CA VAL C 16 16.37 -14.74 -19.82
C VAL C 16 15.19 -15.57 -20.34
N LYS C 17 15.07 -15.73 -21.64
CA LYS C 17 14.00 -16.54 -22.22
C LYS C 17 14.04 -17.98 -21.71
N ILE C 18 15.23 -18.59 -21.61
CA ILE C 18 15.30 -20.02 -21.25
C ILE C 18 14.93 -20.16 -19.77
N ALA C 19 15.43 -19.26 -18.95
CA ALA C 19 15.14 -19.27 -17.52
C ALA C 19 13.64 -19.16 -17.25
N LEU C 20 12.98 -18.22 -17.94
CA LEU C 20 11.55 -18.04 -17.81
C LEU C 20 10.81 -19.31 -18.29
N VAL C 21 11.16 -19.80 -19.46
CA VAL C 21 10.42 -20.92 -20.01
C VAL C 21 10.61 -22.16 -19.15
N ASN C 22 11.82 -22.41 -18.63
CA ASN C 22 12.05 -23.63 -17.84
C ASN C 22 11.34 -23.56 -16.48
N ALA C 23 10.99 -22.34 -16.06
CA ALA C 23 10.22 -22.09 -14.83
C ALA C 23 8.72 -22.10 -15.14
N GLY C 24 8.32 -22.57 -16.31
CA GLY C 24 6.88 -22.58 -16.61
C GLY C 24 6.25 -21.28 -17.06
N ILE C 25 7.03 -20.21 -17.22
CA ILE C 25 6.48 -18.91 -17.64
C ILE C 25 6.51 -18.87 -19.16
N VAL C 26 5.38 -19.04 -19.84
CA VAL C 26 5.47 -19.15 -21.28
C VAL C 26 4.50 -18.28 -22.08
N GLY C 27 5.07 -17.14 -22.51
CA GLY C 27 4.36 -16.11 -23.25
C GLY C 27 5.17 -14.88 -22.90
N MET C 28 5.79 -14.26 -23.90
CA MET C 28 6.43 -12.97 -23.72
C MET C 28 6.52 -12.22 -25.01
N THR C 29 6.69 -10.91 -24.90
CA THR C 29 6.79 -9.99 -26.06
C THR C 29 8.07 -9.15 -25.87
N VAL C 30 8.85 -8.99 -26.94
CA VAL C 30 10.15 -8.35 -26.91
C VAL C 30 10.22 -7.25 -27.98
N SER C 31 10.80 -6.12 -27.60
CA SER C 31 11.01 -5.05 -28.56
C SER C 31 12.36 -4.35 -28.31
N GLU C 32 12.85 -3.71 -29.35
CA GLU C 32 14.11 -3.03 -29.31
C GLU C 32 13.80 -1.62 -28.88
N VAL C 33 14.51 -1.13 -27.87
CA VAL C 33 14.34 0.25 -27.43
C VAL C 33 15.76 0.87 -27.26
N ARG C 34 15.78 2.17 -27.06
CA ARG C 34 16.96 2.88 -26.57
C ARG C 34 16.66 3.49 -25.23
N GLY C 35 17.70 3.63 -24.38
CA GLY C 35 17.51 4.17 -23.03
C GLY C 35 18.75 4.67 -22.33
N PHE C 36 18.53 5.38 -21.22
CA PHE C 36 19.57 5.57 -20.22
C PHE C 36 18.92 5.54 -18.86
N GLY C 37 19.78 5.38 -17.86
CA GLY C 37 19.37 5.42 -16.47
C GLY C 37 20.15 6.54 -15.81
N ARG C 38 20.54 6.31 -14.55
CA ARG C 38 21.17 7.27 -13.69
C ARG C 38 22.42 7.87 -14.29
N GLN C 39 23.19 7.02 -14.97
CA GLN C 39 24.51 7.43 -15.37
C GLN C 39 24.48 8.04 -16.77
N LYS C 40 23.29 8.22 -17.31
CA LYS C 40 23.13 9.03 -18.54
C LYS C 40 23.82 8.49 -19.81
N GLY C 41 23.94 7.15 -19.90
CA GLY C 41 24.44 6.60 -21.13
C GLY C 41 25.93 6.39 -21.07
N GLN C 42 26.57 6.94 -20.05
CA GLN C 42 28.01 6.87 -19.86
C GLN C 42 28.48 5.58 -19.18
N THR C 43 29.38 4.84 -19.80
CA THR C 43 30.06 3.79 -19.06
C THR C 43 31.46 4.31 -18.57
N GLU C 44 31.93 5.40 -19.22
CA GLU C 44 33.33 5.87 -19.25
C GLU C 44 33.92 6.10 -17.87
N TYR C 51 28.34 16.49 -18.67
CA TYR C 51 27.23 17.15 -19.37
C TYR C 51 26.44 16.22 -20.33
N THR C 52 27.12 15.25 -20.93
CA THR C 52 26.52 14.54 -22.07
C THR C 52 25.55 13.42 -21.66
N VAL C 53 24.48 13.29 -22.44
CA VAL C 53 23.52 12.20 -22.23
C VAL C 53 23.20 11.47 -23.53
N GLU C 54 23.47 10.16 -23.50
CA GLU C 54 23.31 9.31 -24.66
C GLU C 54 22.41 8.12 -24.42
N PHE C 55 21.79 7.66 -25.50
CA PHE C 55 21.02 6.45 -25.44
C PHE C 55 21.84 5.23 -25.83
N LEU C 56 21.54 4.11 -25.21
CA LEU C 56 22.12 2.81 -25.55
C LEU C 56 20.97 1.88 -25.91
N GLN C 57 21.30 0.86 -26.71
CA GLN C 57 20.32 -0.11 -27.20
C GLN C 57 20.08 -1.05 -26.07
N LYS C 58 18.79 -1.26 -25.78
CA LYS C 58 18.38 -2.23 -24.73
C LYS C 58 17.27 -3.10 -25.31
N LEU C 59 16.93 -4.20 -24.64
CA LEU C 59 15.73 -4.96 -25.06
C LEU C 59 14.67 -4.84 -23.99
N LYS C 60 13.42 -4.68 -24.37
CA LYS C 60 12.32 -4.60 -23.42
C LYS C 60 11.51 -5.90 -23.53
N LEU C 61 11.32 -6.57 -22.40
CA LEU C 61 10.59 -7.82 -22.31
C LEU C 61 9.31 -7.49 -21.59
N GLU C 62 8.16 -7.93 -22.13
CA GLU C 62 6.89 -7.79 -21.46
C GLU C 62 6.33 -9.20 -21.25
N ILE C 63 5.96 -9.52 -20.01
CA ILE C 63 5.47 -10.83 -19.63
C ILE C 63 4.27 -10.56 -18.75
N VAL C 64 3.11 -11.06 -19.13
CA VAL C 64 1.93 -10.87 -18.33
C VAL C 64 1.77 -12.22 -17.65
N VAL C 65 1.56 -12.22 -16.34
CA VAL C 65 1.39 -13.46 -15.61
C VAL C 65 0.39 -13.23 -14.51
N GLU C 66 0.03 -14.31 -13.82
CA GLU C 66 -0.75 -14.16 -12.60
C GLU C 66 0.00 -13.61 -11.42
N ASP C 67 -0.75 -13.02 -10.47
CA ASP C 67 -0.11 -12.44 -9.27
C ASP C 67 0.87 -13.43 -8.59
N ALA C 68 0.49 -14.70 -8.53
CA ALA C 68 1.28 -15.70 -7.84
C ALA C 68 2.62 -15.99 -8.54
N GLN C 69 2.77 -15.61 -9.81
CA GLN C 69 4.02 -15.90 -10.53
C GLN C 69 4.97 -14.70 -10.55
N VAL C 70 4.54 -13.53 -10.05
CA VAL C 70 5.39 -12.33 -10.15
C VAL C 70 6.81 -12.44 -9.59
N ASP C 71 6.95 -12.97 -8.37
CA ASP C 71 8.30 -13.07 -7.77
C ASP C 71 9.20 -14.02 -8.56
N THR C 72 8.61 -15.05 -9.15
CA THR C 72 9.32 -16.02 -9.97
C THR C 72 9.87 -15.32 -11.20
N VAL C 73 8.98 -14.65 -11.94
CA VAL C 73 9.41 -13.87 -13.09
C VAL C 73 10.54 -12.92 -12.67
N ILE C 74 10.34 -12.15 -11.63
CA ILE C 74 11.35 -11.16 -11.24
C ILE C 74 12.66 -11.89 -10.94
N ASP C 75 12.66 -12.84 -10.01
CA ASP C 75 13.88 -13.60 -9.68
C ASP C 75 14.58 -14.19 -10.89
N LYS C 76 13.81 -14.73 -11.82
CA LYS C 76 14.44 -15.42 -12.95
C LYS C 76 15.06 -14.38 -13.90
N ILE C 77 14.39 -13.25 -14.10
CA ILE C 77 14.96 -12.23 -14.97
C ILE C 77 16.28 -11.67 -14.37
N VAL C 78 16.26 -11.37 -13.08
CA VAL C 78 17.41 -10.87 -12.35
C VAL C 78 18.62 -11.82 -12.40
N ALA C 79 18.42 -13.09 -12.09
CA ALA C 79 19.53 -14.06 -12.15
C ALA C 79 20.08 -14.21 -13.56
N ALA C 80 19.22 -14.13 -14.56
CA ALA C 80 19.69 -14.33 -15.90
C ALA C 80 20.31 -13.03 -16.43
N ALA C 81 19.82 -11.86 -15.99
CA ALA C 81 20.23 -10.61 -16.63
C ALA C 81 21.44 -9.88 -16.02
N ARG C 82 21.63 -10.04 -14.71
CA ARG C 82 22.70 -9.39 -14.01
C ARG C 82 24.07 -9.78 -14.55
N THR C 83 24.95 -8.77 -14.74
CA THR C 83 26.37 -9.03 -15.03
C THR C 83 27.20 -8.35 -14.00
N GLY C 84 26.61 -7.46 -13.24
CA GLY C 84 27.36 -6.84 -12.17
C GLY C 84 27.75 -5.40 -12.41
N GLU C 85 27.49 -4.89 -13.60
CA GLU C 85 27.87 -3.55 -14.03
C GLU C 85 26.67 -2.64 -14.27
N ILE C 86 26.88 -1.33 -14.15
CA ILE C 86 25.78 -0.36 -14.36
C ILE C 86 25.15 -0.60 -15.72
N GLY C 87 23.82 -0.44 -15.82
CA GLY C 87 23.14 -0.70 -17.12
C GLY C 87 22.53 -2.09 -17.28
N ASP C 88 22.61 -2.90 -16.22
CA ASP C 88 22.07 -4.25 -16.26
C ASP C 88 20.56 -4.35 -16.46
N GLY C 89 19.84 -3.31 -16.06
CA GLY C 89 18.43 -3.23 -16.40
C GLY C 89 17.53 -2.80 -15.24
N LYS C 90 16.24 -2.69 -15.53
CA LYS C 90 15.28 -2.25 -14.60
C LYS C 90 13.96 -2.95 -14.96
N ILE C 91 13.16 -3.20 -13.95
CA ILE C 91 11.95 -3.97 -14.04
C ILE C 91 10.78 -3.18 -13.41
N PHE C 92 9.66 -3.13 -14.10
CA PHE C 92 8.47 -2.40 -13.65
C PHE C 92 7.31 -3.39 -13.64
N VAL C 93 6.60 -3.50 -12.54
CA VAL C 93 5.42 -4.34 -12.51
C VAL C 93 4.18 -3.42 -12.49
N SER C 94 3.15 -3.72 -13.28
CA SER C 94 1.95 -2.86 -13.37
C SER C 94 0.67 -3.74 -13.43
N PRO C 95 -0.50 -3.21 -12.99
CA PRO C 95 -1.72 -4.03 -12.98
C PRO C 95 -2.22 -4.31 -14.39
N VAL C 96 -2.82 -5.47 -14.59
CA VAL C 96 -3.54 -5.78 -15.82
C VAL C 96 -4.94 -6.19 -15.42
N ASP C 97 -5.99 -5.52 -15.91
CA ASP C 97 -7.39 -5.88 -15.59
C ASP C 97 -7.82 -7.19 -16.23
N GLN C 98 -7.43 -7.40 -17.47
CA GLN C 98 -8.11 -8.40 -18.32
C GLN C 98 -7.11 -8.88 -19.38
N THR C 99 -7.02 -10.20 -19.57
CA THR C 99 -6.27 -10.80 -20.65
C THR C 99 -7.23 -11.61 -21.53
N ILE C 100 -7.13 -11.46 -22.85
CA ILE C 100 -8.09 -12.13 -23.71
C ILE C 100 -7.32 -12.84 -24.84
N ARG C 101 -7.50 -14.15 -24.97
CA ARG C 101 -6.84 -14.87 -26.10
C ARG C 101 -7.66 -14.65 -27.39
N ILE C 102 -7.08 -14.02 -28.42
CA ILE C 102 -7.87 -13.70 -29.60
C ILE C 102 -8.44 -14.96 -30.33
N ARG C 103 -7.75 -16.09 -30.34
CA ARG C 103 -8.26 -17.21 -31.20
C ARG C 103 -9.57 -17.84 -30.68
N THR C 104 -9.78 -17.83 -29.37
CA THR C 104 -10.88 -18.61 -28.71
C THR C 104 -11.78 -17.72 -27.88
N GLY C 105 -11.32 -16.48 -27.70
CA GLY C 105 -11.99 -15.53 -26.81
C GLY C 105 -11.97 -15.90 -25.32
N GLU C 106 -11.05 -16.80 -24.97
CA GLU C 106 -10.86 -17.24 -23.58
C GLU C 106 -10.24 -16.05 -22.83
N LYS C 107 -10.53 -15.95 -21.53
CA LYS C 107 -10.09 -14.83 -20.70
C LYS C 107 -9.21 -15.23 -19.49
N ASN C 108 -8.38 -14.30 -19.05
CA ASN C 108 -7.68 -14.33 -17.76
C ASN C 108 -6.73 -15.48 -17.47
N ALA C 109 -6.98 -16.25 -16.40
CA ALA C 109 -6.12 -17.39 -16.06
C ALA C 109 -5.95 -18.42 -17.21
N ASP C 110 -7.05 -18.75 -17.88
CA ASP C 110 -7.05 -19.67 -19.03
C ASP C 110 -6.42 -19.04 -20.30
N ALA C 111 -6.52 -17.72 -20.41
CA ALA C 111 -5.78 -16.92 -21.40
C ALA C 111 -4.28 -16.67 -21.07
N ILE C 112 -3.82 -17.07 -19.88
CA ILE C 112 -2.38 -17.00 -19.58
C ILE C 112 -1.74 -18.39 -19.47
N SER C 113 -2.49 -19.37 -18.92
CA SER C 113 -1.97 -20.72 -18.56
C SER C 113 -1.11 -21.41 -19.62
N MET D 1 8.22 10.81 18.13
CA MET D 1 7.48 10.45 19.34
C MET D 1 7.10 8.99 19.22
N LYS D 2 7.08 8.29 20.33
CA LYS D 2 6.80 6.86 20.37
C LYS D 2 5.94 6.57 21.57
N LYS D 3 5.11 5.54 21.47
CA LYS D 3 4.41 5.00 22.62
C LYS D 3 5.08 3.69 22.99
N ILE D 4 5.46 3.57 24.27
CA ILE D 4 5.94 2.33 24.87
C ILE D 4 4.80 1.76 25.74
N GLU D 5 4.36 0.55 25.34
CA GLU D 5 3.47 -0.22 26.18
C GLU D 5 4.26 -1.34 26.76
N ALA D 6 4.17 -1.46 28.07
CA ALA D 6 4.82 -2.53 28.78
C ALA D 6 3.76 -3.27 29.56
N ILE D 7 3.78 -4.60 29.42
CA ILE D 7 2.88 -5.49 30.16
C ILE D 7 3.77 -6.15 31.23
N ILE D 8 3.44 -5.90 32.50
CA ILE D 8 4.35 -6.21 33.63
C ILE D 8 3.54 -6.88 34.73
N ARG D 9 4.23 -7.55 35.68
CA ARG D 9 3.53 -8.11 36.86
C ARG D 9 2.91 -6.96 37.72
N PRO D 10 1.70 -7.13 38.29
CA PRO D 10 1.14 -5.98 39.01
C PRO D 10 2.01 -5.44 40.16
N PHE D 11 2.68 -6.33 40.87
CA PHE D 11 3.40 -5.89 42.06
C PHE D 11 4.65 -5.08 41.76
N LYS D 12 5.13 -5.07 40.52
CA LYS D 12 6.22 -4.18 40.09
C LYS D 12 5.80 -2.73 39.79
N LEU D 13 4.53 -2.41 39.96
CA LEU D 13 4.12 -1.06 39.54
C LEU D 13 4.98 0.02 40.19
N ASP D 14 5.12 -0.04 41.50
CA ASP D 14 5.76 1.04 42.25
C ASP D 14 7.23 1.17 41.91
N GLU D 15 7.95 0.06 41.84
CA GLU D 15 9.32 0.12 41.40
C GLU D 15 9.54 0.72 39.98
N VAL D 16 8.67 0.37 39.06
CA VAL D 16 8.67 0.84 37.70
C VAL D 16 8.41 2.33 37.62
N LYS D 17 7.35 2.77 38.27
CA LYS D 17 7.02 4.14 38.42
C LYS D 17 8.23 4.96 38.95
N ILE D 18 8.79 4.55 40.07
CA ILE D 18 9.93 5.27 40.65
C ILE D 18 11.14 5.30 39.65
N ALA D 19 11.48 4.14 39.09
CA ALA D 19 12.60 4.05 38.16
C ALA D 19 12.43 4.98 36.95
N LEU D 20 11.22 5.06 36.40
CA LEU D 20 10.98 5.99 35.29
C LEU D 20 11.06 7.49 35.67
N VAL D 21 10.33 7.90 36.69
CA VAL D 21 10.28 9.29 37.11
C VAL D 21 11.69 9.77 37.50
N ASN D 22 12.44 8.92 38.21
CA ASN D 22 13.81 9.28 38.58
C ASN D 22 14.71 9.39 37.38
N ALA D 23 14.31 8.74 36.28
CA ALA D 23 15.02 8.92 35.04
C ALA D 23 14.47 10.08 34.19
N GLY D 24 13.58 10.92 34.74
CA GLY D 24 12.98 12.03 33.98
C GLY D 24 11.84 11.73 33.03
N ILE D 25 11.30 10.50 33.07
CA ILE D 25 10.15 10.11 32.26
C ILE D 25 8.96 10.30 33.17
N VAL D 26 8.27 11.42 32.97
CA VAL D 26 7.22 11.83 33.89
C VAL D 26 5.88 11.96 33.16
N GLY D 27 5.19 10.84 32.97
CA GLY D 27 3.84 10.84 32.38
C GLY D 27 3.58 9.39 32.03
N MET D 28 2.47 8.84 32.52
CA MET D 28 2.15 7.46 32.20
C MET D 28 0.72 7.09 32.56
N THR D 29 0.20 6.11 31.85
CA THR D 29 -1.17 5.65 31.98
C THR D 29 -1.14 4.14 32.27
N VAL D 30 -1.89 3.74 33.30
CA VAL D 30 -1.89 2.35 33.76
C VAL D 30 -3.30 1.76 33.68
N SER D 31 -3.38 0.52 33.15
CA SER D 31 -4.62 -0.27 33.20
C SER D 31 -4.40 -1.71 33.56
N GLU D 32 -5.48 -2.30 34.06
CA GLU D 32 -5.50 -3.71 34.44
C GLU D 32 -5.88 -4.55 33.23
N VAL D 33 -5.13 -5.61 32.97
CA VAL D 33 -5.41 -6.47 31.83
C VAL D 33 -5.14 -7.94 32.26
N ARG D 34 -5.54 -8.88 31.41
CA ARG D 34 -5.25 -10.27 31.63
C ARG D 34 -4.49 -10.73 30.36
N GLY D 35 -3.56 -11.66 30.52
CA GLY D 35 -2.76 -12.10 29.41
C GLY D 35 -2.12 -13.47 29.59
N PHE D 36 -1.59 -13.96 28.47
CA PHE D 36 -0.61 -15.04 28.47
C PHE D 36 0.32 -14.79 27.30
N GLY D 37 1.54 -15.36 27.39
CA GLY D 37 2.61 -15.35 26.36
C GLY D 37 2.88 -16.78 25.85
N ARG D 38 4.13 -17.11 25.54
CA ARG D 38 4.44 -18.41 24.92
C ARG D 38 4.09 -19.60 25.78
N GLN D 39 4.02 -19.41 27.10
CA GLN D 39 3.80 -20.58 27.97
C GLN D 39 2.31 -20.76 28.30
N LYS D 40 1.44 -19.94 27.69
CA LYS D 40 -0.03 -20.20 27.70
C LYS D 40 -0.67 -20.10 29.09
N GLY D 41 -0.09 -19.28 29.94
CA GLY D 41 -0.63 -19.06 31.28
C GLY D 41 -0.30 -20.16 32.24
N GLN D 42 0.68 -20.99 31.90
CA GLN D 42 1.08 -22.08 32.78
C GLN D 42 2.33 -21.66 33.59
N TYR D 51 -2.35 -27.91 27.92
CA TYR D 51 -3.76 -28.31 28.06
C TYR D 51 -4.67 -27.05 27.97
N THR D 52 -5.30 -26.61 29.07
CA THR D 52 -6.01 -25.31 29.00
C THR D 52 -5.02 -24.14 28.94
N VAL D 53 -5.41 -23.07 28.28
CA VAL D 53 -4.60 -21.90 28.28
C VAL D 53 -5.33 -20.85 29.15
N GLU D 54 -4.62 -20.32 30.15
CA GLU D 54 -5.20 -19.39 31.16
C GLU D 54 -4.72 -17.93 31.01
N PHE D 55 -5.57 -16.99 31.39
CA PHE D 55 -5.18 -15.58 31.42
C PHE D 55 -4.69 -15.26 32.79
N LEU D 56 -3.56 -14.59 32.90
CA LEU D 56 -3.07 -14.13 34.19
C LEU D 56 -3.19 -12.61 34.30
N GLN D 57 -3.33 -12.12 35.52
CA GLN D 57 -3.49 -10.69 35.77
C GLN D 57 -2.16 -10.02 35.56
N LYS D 58 -2.17 -8.95 34.79
CA LYS D 58 -1.01 -8.13 34.48
C LYS D 58 -1.43 -6.65 34.52
N LEU D 59 -0.48 -5.73 34.52
CA LEU D 59 -0.76 -4.30 34.30
C LEU D 59 -0.13 -3.86 32.99
N LYS D 60 -0.84 -2.98 32.26
CA LYS D 60 -0.36 -2.38 31.02
C LYS D 60 0.06 -0.97 31.33
N LEU D 61 1.31 -0.66 31.04
CA LEU D 61 1.87 0.69 31.21
C LEU D 61 1.98 1.34 29.81
N GLU D 62 1.49 2.56 29.67
CA GLU D 62 1.58 3.31 28.42
C GLU D 62 2.35 4.57 28.63
N ILE D 63 3.44 4.72 27.90
CA ILE D 63 4.37 5.84 28.14
C ILE D 63 4.71 6.46 26.78
N VAL D 64 4.31 7.72 26.57
CA VAL D 64 4.58 8.38 25.32
C VAL D 64 5.71 9.35 25.62
N VAL D 65 6.77 9.20 24.83
CA VAL D 65 7.98 9.97 24.98
C VAL D 65 8.50 10.36 23.59
N GLU D 66 9.52 11.22 23.62
CA GLU D 66 10.29 11.60 22.48
C GLU D 66 11.25 10.45 22.09
N ASP D 67 11.57 10.34 20.80
CA ASP D 67 12.42 9.22 20.25
C ASP D 67 13.70 9.02 21.06
N ALA D 68 14.32 10.14 21.44
CA ALA D 68 15.58 10.14 22.21
C ALA D 68 15.45 9.55 23.64
N GLN D 69 14.23 9.39 24.17
CA GLN D 69 14.00 8.89 25.53
C GLN D 69 13.60 7.39 25.57
N VAL D 70 13.40 6.77 24.41
CA VAL D 70 12.94 5.40 24.28
C VAL D 70 13.89 4.36 24.91
N ASP D 71 15.17 4.42 24.56
CA ASP D 71 16.17 3.50 25.16
C ASP D 71 16.16 3.58 26.71
N THR D 72 15.92 4.79 27.22
CA THR D 72 15.84 4.99 28.67
C THR D 72 14.62 4.32 29.26
N VAL D 73 13.49 4.46 28.58
CA VAL D 73 12.28 3.93 29.09
C VAL D 73 12.48 2.41 29.14
N ILE D 74 13.07 1.82 28.08
CA ILE D 74 13.20 0.37 28.01
C ILE D 74 14.11 -0.12 29.12
N ASP D 75 15.24 0.58 29.30
CA ASP D 75 16.22 0.25 30.38
C ASP D 75 15.58 0.23 31.77
N LYS D 76 14.82 1.26 32.07
CA LYS D 76 14.20 1.34 33.38
C LYS D 76 13.15 0.26 33.56
N ILE D 77 12.37 -0.04 32.52
CA ILE D 77 11.29 -1.01 32.69
C ILE D 77 11.86 -2.41 32.90
N VAL D 78 12.81 -2.79 32.05
CA VAL D 78 13.57 -4.04 32.21
C VAL D 78 14.13 -4.14 33.63
N ALA D 79 14.77 -3.08 34.11
CA ALA D 79 15.49 -3.21 35.36
C ALA D 79 14.55 -3.24 36.58
N ALA D 80 13.45 -2.50 36.53
CA ALA D 80 12.49 -2.55 37.62
C ALA D 80 11.59 -3.80 37.55
N ALA D 81 11.15 -4.20 36.35
CA ALA D 81 10.12 -5.29 36.21
C ALA D 81 10.65 -6.74 36.13
N ARG D 82 11.93 -6.89 35.76
CA ARG D 82 12.49 -8.24 35.62
C ARG D 82 12.54 -8.99 36.97
N THR D 83 12.17 -10.27 36.96
CA THR D 83 12.44 -11.11 38.11
C THR D 83 13.24 -12.35 37.73
N GLY D 84 13.23 -12.76 36.47
CA GLY D 84 13.91 -13.95 36.09
C GLY D 84 13.02 -15.18 35.91
N GLU D 85 11.75 -15.09 36.32
CA GLU D 85 10.77 -16.13 36.01
C GLU D 85 9.97 -15.80 34.76
N ILE D 86 9.53 -16.83 34.05
CA ILE D 86 8.69 -16.65 32.85
C ILE D 86 7.49 -15.76 33.25
N GLY D 87 7.03 -14.91 32.35
CA GLY D 87 5.96 -13.99 32.66
C GLY D 87 6.32 -12.59 33.05
N ASP D 88 7.62 -12.25 33.01
CA ASP D 88 8.11 -10.95 33.43
C ASP D 88 7.54 -9.81 32.63
N GLY D 89 7.09 -10.11 31.43
CA GLY D 89 6.44 -9.06 30.65
C GLY D 89 7.09 -8.88 29.29
N LYS D 90 6.57 -7.90 28.61
CA LYS D 90 6.88 -7.63 27.20
C LYS D 90 6.67 -6.16 26.89
N ILE D 91 7.53 -5.59 26.04
CA ILE D 91 7.45 -4.17 25.68
C ILE D 91 7.21 -4.00 24.19
N PHE D 92 6.28 -3.12 23.81
CA PHE D 92 5.95 -2.81 22.41
C PHE D 92 6.09 -1.31 22.18
N VAL D 93 6.92 -0.94 21.20
CA VAL D 93 7.20 0.47 20.87
C VAL D 93 6.48 0.64 19.52
N SER D 94 5.69 1.69 19.40
CA SER D 94 4.90 1.98 18.21
C SER D 94 4.89 3.50 17.97
N PRO D 95 4.61 3.94 16.72
CA PRO D 95 4.78 5.39 16.43
C PRO D 95 3.64 6.20 16.98
N VAL D 96 3.91 7.46 17.29
CA VAL D 96 2.86 8.42 17.63
C VAL D 96 3.02 9.54 16.62
N ASP D 97 1.93 9.95 15.97
CA ASP D 97 1.97 10.99 14.94
C ASP D 97 1.85 12.35 15.59
N GLN D 98 1.03 12.43 16.64
CA GLN D 98 0.75 13.73 17.24
C GLN D 98 0.37 13.59 18.72
N THR D 99 0.91 14.47 19.58
CA THR D 99 0.49 14.56 20.97
C THR D 99 -0.12 15.95 21.24
N ILE D 100 -1.20 16.01 22.01
CA ILE D 100 -1.90 17.28 22.31
C ILE D 100 -2.29 17.27 23.80
N ARG D 101 -1.79 18.28 24.49
CA ARG D 101 -2.11 18.53 25.89
C ARG D 101 -3.42 19.26 25.94
N ILE D 102 -4.40 18.69 26.64
CA ILE D 102 -5.75 19.19 26.57
C ILE D 102 -5.90 20.58 27.18
N ARG D 103 -5.27 20.84 28.32
CA ARG D 103 -5.57 22.10 28.97
C ARG D 103 -5.11 23.36 28.20
N THR D 104 -3.98 23.23 27.50
CA THR D 104 -3.29 24.37 26.86
C THR D 104 -3.35 24.28 25.30
N GLY D 105 -3.54 23.09 24.75
CA GLY D 105 -3.46 22.95 23.29
C GLY D 105 -2.04 22.78 22.78
N GLU D 106 -1.05 22.74 23.66
CA GLU D 106 0.31 22.55 23.15
C GLU D 106 0.40 21.18 22.49
N LYS D 107 1.25 21.13 21.47
CA LYS D 107 1.45 19.97 20.61
C LYS D 107 2.84 19.37 20.76
N ASN D 108 2.96 18.04 20.59
CA ASN D 108 4.25 17.37 20.42
C ASN D 108 5.32 17.49 21.52
N ALA D 109 6.53 17.98 21.21
CA ALA D 109 7.58 18.11 22.26
C ALA D 109 7.09 18.87 23.48
N ASP D 110 6.27 19.89 23.24
CA ASP D 110 5.80 20.75 24.33
C ASP D 110 4.81 20.00 25.23
N ALA D 111 3.97 19.18 24.61
CA ALA D 111 2.99 18.36 25.33
C ALA D 111 3.62 17.17 26.06
N ILE D 112 4.87 16.86 25.78
CA ILE D 112 5.55 15.71 26.37
C ILE D 112 6.56 16.09 27.52
N SER D 113 7.30 17.18 27.34
CA SER D 113 8.31 17.61 28.33
C SER D 113 7.62 18.07 29.59
N ALA D 114 8.29 17.86 30.74
CA ALA D 114 7.88 18.36 32.07
C ALA D 114 8.24 19.83 32.29
N MET E 1 6.18 -5.88 12.02
CA MET E 1 5.33 -6.35 13.16
C MET E 1 4.12 -5.46 13.25
N LYS E 2 3.01 -6.07 13.64
CA LYS E 2 1.75 -5.36 13.80
C LYS E 2 1.08 -5.73 15.11
N LYS E 3 0.43 -4.75 15.72
CA LYS E 3 -0.57 -4.98 16.78
C LYS E 3 -1.93 -5.18 16.10
N ILE E 4 -2.62 -6.27 16.40
CA ILE E 4 -3.99 -6.42 15.99
C ILE E 4 -4.84 -6.19 17.24
N GLU E 5 -5.75 -5.22 17.18
CA GLU E 5 -6.64 -4.89 18.28
C GLU E 5 -8.04 -5.25 17.80
N ALA E 6 -8.69 -6.19 18.48
CA ALA E 6 -10.00 -6.67 18.12
C ALA E 6 -10.97 -6.43 19.29
N ILE E 7 -12.03 -5.66 19.07
CA ILE E 7 -13.07 -5.45 20.06
C ILE E 7 -14.17 -6.46 19.78
N ILE E 8 -14.52 -7.31 20.75
CA ILE E 8 -15.48 -8.38 20.50
C ILE E 8 -16.49 -8.50 21.62
N ARG E 9 -17.56 -9.28 21.39
CA ARG E 9 -18.48 -9.68 22.44
C ARG E 9 -17.74 -10.50 23.49
N PRO E 10 -18.00 -10.21 24.75
CA PRO E 10 -17.25 -10.85 25.83
C PRO E 10 -17.36 -12.38 25.81
N PHE E 11 -18.54 -12.92 25.44
CA PHE E 11 -18.69 -14.40 25.54
C PHE E 11 -17.82 -15.13 24.53
N LYS E 12 -17.35 -14.38 23.51
CA LYS E 12 -16.55 -14.97 22.44
C LYS E 12 -15.04 -15.06 22.74
N LEU E 13 -14.58 -14.57 23.89
CA LEU E 13 -13.14 -14.63 24.21
C LEU E 13 -12.60 -16.08 24.08
N ASP E 14 -13.26 -17.02 24.71
CA ASP E 14 -12.72 -18.37 24.79
C ASP E 14 -12.45 -18.97 23.39
N GLU E 15 -13.40 -18.80 22.46
CA GLU E 15 -13.25 -19.32 21.11
C GLU E 15 -12.19 -18.59 20.34
N VAL E 16 -12.13 -17.26 20.50
CA VAL E 16 -11.01 -16.55 19.89
C VAL E 16 -9.66 -17.07 20.35
N LYS E 17 -9.48 -17.19 21.66
CA LYS E 17 -8.25 -17.66 22.26
C LYS E 17 -7.86 -19.02 21.67
N ILE E 18 -8.81 -19.97 21.63
CA ILE E 18 -8.54 -21.32 21.15
C ILE E 18 -8.20 -21.33 19.64
N ALA E 19 -8.89 -20.50 18.85
CA ALA E 19 -8.62 -20.49 17.41
C ALA E 19 -7.20 -19.92 17.16
N LEU E 20 -6.83 -18.91 17.93
CA LEU E 20 -5.52 -18.23 17.78
C LEU E 20 -4.39 -19.18 18.16
N VAL E 21 -4.50 -19.79 19.34
CA VAL E 21 -3.49 -20.72 19.83
C VAL E 21 -3.29 -21.94 18.86
N ASN E 22 -4.37 -22.59 18.45
CA ASN E 22 -4.31 -23.73 17.53
C ASN E 22 -3.65 -23.33 16.21
N ALA E 23 -3.76 -22.05 15.84
CA ALA E 23 -3.09 -21.57 14.64
C ALA E 23 -1.66 -21.11 14.94
N GLY E 24 -1.13 -21.37 16.13
CA GLY E 24 0.25 -20.97 16.43
C GLY E 24 0.46 -19.54 16.87
N ILE E 25 -0.61 -18.79 17.07
CA ILE E 25 -0.50 -17.42 17.60
C ILE E 25 -0.67 -17.44 19.13
N VAL E 26 0.46 -17.45 19.85
CA VAL E 26 0.50 -17.61 21.29
C VAL E 26 1.09 -16.36 21.95
N GLY E 27 0.21 -15.55 22.52
CA GLY E 27 0.59 -14.32 23.18
C GLY E 27 -0.58 -13.38 22.90
N MET E 28 -1.28 -12.96 23.95
CA MET E 28 -2.32 -11.95 23.79
C MET E 28 -2.63 -11.24 25.10
N THR E 29 -3.20 -10.03 24.98
CA THR E 29 -3.62 -9.25 26.09
C THR E 29 -5.09 -8.88 25.91
N VAL E 30 -5.82 -8.98 27.02
CA VAL E 30 -7.27 -8.77 27.02
C VAL E 30 -7.60 -7.77 28.13
N SER E 31 -8.44 -6.78 27.78
CA SER E 31 -8.96 -5.77 28.73
C SER E 31 -10.46 -5.69 28.56
N GLU E 32 -11.12 -5.24 29.63
CA GLU E 32 -12.56 -5.04 29.62
C GLU E 32 -12.78 -3.59 29.20
N VAL E 33 -13.65 -3.38 28.24
CA VAL E 33 -13.93 -1.99 27.85
C VAL E 33 -15.44 -1.82 27.70
N ARG E 34 -15.85 -0.57 27.49
CA ARG E 34 -17.20 -0.24 27.09
C ARG E 34 -17.14 0.55 25.72
N GLY E 35 -18.17 0.39 24.90
CA GLY E 35 -18.18 1.06 23.59
C GLY E 35 -19.52 1.07 22.86
N PHE E 36 -19.58 1.84 21.80
CA PHE E 36 -20.72 1.73 20.88
C PHE E 36 -20.11 1.89 19.51
N GLY E 37 -20.80 1.40 18.47
CA GLY E 37 -20.41 1.66 17.09
C GLY E 37 -21.44 2.53 16.41
N ARG E 38 -21.66 2.29 15.12
CA ARG E 38 -22.65 3.03 14.29
C ARG E 38 -24.04 3.15 14.92
N GLN E 39 -24.50 2.08 15.55
CA GLN E 39 -25.89 2.05 16.07
C GLN E 39 -26.04 2.54 17.54
N LYS E 40 -24.95 3.01 18.15
CA LYS E 40 -25.02 3.74 19.45
C LYS E 40 -25.56 2.95 20.66
N GLY E 41 -25.16 1.69 20.72
CA GLY E 41 -25.57 0.81 21.75
C GLY E 41 -26.99 0.32 21.59
N GLN E 42 -27.68 0.63 20.47
CA GLN E 42 -29.05 0.12 20.28
C GLN E 42 -29.03 -1.13 19.47
N THR E 43 -29.80 -2.08 19.95
CA THR E 43 -29.75 -3.43 19.50
C THR E 43 -30.86 -3.70 18.44
N GLU E 44 -31.96 -2.97 18.55
CA GLU E 44 -32.90 -2.73 17.42
C GLU E 44 -33.92 -1.81 18.03
N SER E 49 -34.67 3.73 18.74
CA SER E 49 -34.77 5.19 18.65
C SER E 49 -33.42 5.90 18.49
N GLU E 50 -33.42 6.87 17.59
CA GLU E 50 -32.18 7.41 17.06
C GLU E 50 -31.53 8.45 17.97
N TYR E 51 -32.20 8.78 19.08
CA TYR E 51 -31.60 9.73 20.01
C TYR E 51 -31.13 9.18 21.36
N THR E 52 -30.97 7.88 21.40
CA THR E 52 -30.46 7.30 22.61
C THR E 52 -29.06 6.70 22.36
N VAL E 53 -28.11 7.10 23.20
CA VAL E 53 -26.75 6.58 23.09
C VAL E 53 -26.35 5.88 24.39
N GLU E 54 -25.81 4.68 24.24
CA GLU E 54 -25.47 3.79 25.36
C GLU E 54 -24.16 3.00 25.06
N PHE E 55 -23.40 2.75 26.11
CA PHE E 55 -22.18 1.96 26.03
C PHE E 55 -22.51 0.53 26.41
N LEU E 56 -21.94 -0.43 25.70
CA LEU E 56 -22.12 -1.83 26.03
C LEU E 56 -20.75 -2.37 26.39
N GLN E 57 -20.73 -3.40 27.21
CA GLN E 57 -19.51 -4.12 27.54
C GLN E 57 -18.97 -4.92 26.34
N LYS E 58 -17.67 -4.74 26.10
CA LYS E 58 -16.91 -5.47 25.09
C LYS E 58 -15.57 -5.92 25.68
N LEU E 59 -14.89 -6.87 25.00
CA LEU E 59 -13.52 -7.19 25.31
C LEU E 59 -12.61 -6.74 24.18
N LYS E 60 -11.49 -6.19 24.58
CA LYS E 60 -10.43 -5.75 23.72
C LYS E 60 -9.29 -6.76 23.74
N LEU E 61 -9.08 -7.42 22.62
CA LEU E 61 -7.97 -8.33 22.44
C LEU E 61 -6.88 -7.64 21.69
N GLU E 62 -5.67 -7.69 22.27
CA GLU E 62 -4.49 -7.14 21.64
C GLU E 62 -3.48 -8.26 21.43
N ILE E 63 -3.06 -8.40 20.17
CA ILE E 63 -2.15 -9.45 19.74
C ILE E 63 -1.10 -8.85 18.79
N VAL E 64 0.16 -8.96 19.17
CA VAL E 64 1.24 -8.45 18.36
C VAL E 64 1.89 -9.66 17.69
N VAL E 65 2.03 -9.59 16.34
CA VAL E 65 2.56 -10.67 15.51
C VAL E 65 3.49 -10.10 14.46
N GLU E 66 4.20 -11.00 13.79
CA GLU E 66 5.00 -10.71 12.58
CA GLU E 66 4.99 -10.67 12.59
C GLU E 66 4.02 -10.38 11.47
N ASP E 67 4.46 -9.59 10.50
CA ASP E 67 3.60 -9.22 9.33
C ASP E 67 2.98 -10.39 8.60
N ALA E 68 3.74 -11.47 8.45
CA ALA E 68 3.25 -12.66 7.75
C ALA E 68 2.02 -13.29 8.42
N GLN E 69 1.87 -13.06 9.72
CA GLN E 69 0.78 -13.67 10.49
C GLN E 69 -0.48 -12.81 10.56
N VAL E 70 -0.42 -11.58 10.07
CA VAL E 70 -1.59 -10.69 10.18
C VAL E 70 -2.91 -11.25 9.62
N ASP E 71 -2.94 -11.70 8.39
CA ASP E 71 -4.20 -12.18 7.85
C ASP E 71 -4.72 -13.42 8.61
N THR E 72 -3.82 -14.19 9.18
CA THR E 72 -4.22 -15.35 9.95
C THR E 72 -4.92 -14.90 11.23
N VAL E 73 -4.39 -13.87 11.87
CA VAL E 73 -5.04 -13.44 13.09
C VAL E 73 -6.43 -12.89 12.75
N ILE E 74 -6.50 -12.06 11.71
CA ILE E 74 -7.80 -11.56 11.26
C ILE E 74 -8.82 -12.67 10.95
N ASP E 75 -8.48 -13.64 10.09
CA ASP E 75 -9.39 -14.72 9.68
C ASP E 75 -9.91 -15.49 10.91
N LYS E 76 -9.02 -15.72 11.86
CA LYS E 76 -9.39 -16.56 12.97
C LYS E 76 -10.27 -15.78 13.94
N ILE E 77 -9.94 -14.53 14.18
CA ILE E 77 -10.82 -13.67 14.97
C ILE E 77 -12.22 -13.53 14.38
N VAL E 78 -12.32 -13.23 13.10
CA VAL E 78 -13.63 -13.05 12.48
C VAL E 78 -14.50 -14.33 12.60
N ALA E 79 -13.89 -15.49 12.32
CA ALA E 79 -14.62 -16.77 12.26
C ALA E 79 -15.08 -17.14 13.68
N ALA E 80 -14.26 -16.79 14.66
CA ALA E 80 -14.49 -17.16 16.03
C ALA E 80 -15.52 -16.20 16.66
N ALA E 81 -15.37 -14.91 16.37
CA ALA E 81 -16.17 -13.90 17.06
C ALA E 81 -17.49 -13.59 16.36
N ARG E 82 -17.61 -13.88 15.07
CA ARG E 82 -18.81 -13.51 14.30
C ARG E 82 -20.04 -14.27 14.77
N THR E 83 -21.14 -13.52 14.99
CA THR E 83 -22.44 -14.17 15.29
C THR E 83 -23.49 -13.80 14.27
N GLY E 84 -23.18 -12.85 13.40
CA GLY E 84 -24.18 -12.42 12.44
C GLY E 84 -25.01 -11.20 12.85
N GLU E 85 -24.76 -10.60 14.03
CA GLU E 85 -25.57 -9.46 14.48
C GLU E 85 -24.74 -8.23 14.73
N ILE E 86 -25.41 -7.08 14.67
CA ILE E 86 -24.72 -5.81 14.86
C ILE E 86 -24.03 -5.85 16.22
N GLY E 87 -22.86 -5.24 16.28
CA GLY E 87 -22.07 -5.27 17.55
C GLY E 87 -21.09 -6.43 17.68
N ASP E 88 -20.94 -7.24 16.63
CA ASP E 88 -19.99 -8.39 16.65
C ASP E 88 -18.55 -8.01 16.83
N GLY E 89 -18.18 -6.83 16.34
CA GLY E 89 -16.85 -6.33 16.61
C GLY E 89 -16.14 -5.59 15.52
N LYS E 90 -14.98 -5.03 15.88
CA LYS E 90 -14.20 -4.29 14.92
C LYS E 90 -12.76 -4.63 15.19
N ILE E 91 -11.91 -4.61 14.16
CA ILE E 91 -10.53 -4.98 14.29
C ILE E 91 -9.66 -3.87 13.74
N PHE E 92 -8.60 -3.49 14.46
CA PHE E 92 -7.75 -2.37 14.02
C PHE E 92 -6.32 -2.84 13.99
N VAL E 93 -5.64 -2.61 12.86
CA VAL E 93 -4.27 -3.10 12.69
C VAL E 93 -3.35 -1.91 12.71
N SER E 94 -2.27 -2.00 13.46
CA SER E 94 -1.36 -0.85 13.54
C SER E 94 0.08 -1.30 13.63
N PRO E 95 1.02 -0.42 13.28
CA PRO E 95 2.38 -0.90 13.21
C PRO E 95 3.06 -0.95 14.58
N VAL E 96 3.98 -1.87 14.74
CA VAL E 96 4.82 -1.92 15.90
C VAL E 96 6.28 -1.82 15.42
N ASP E 97 7.10 -0.99 16.07
CA ASP E 97 8.55 -0.82 15.72
C ASP E 97 9.44 -1.87 16.34
N GLN E 98 9.12 -2.25 17.57
CA GLN E 98 10.03 -3.07 18.42
C GLN E 98 9.19 -3.85 19.41
N THR E 99 9.59 -5.09 19.70
CA THR E 99 9.03 -5.86 20.79
C THR E 99 10.19 -6.36 21.65
N ILE E 100 10.18 -6.07 22.96
CA ILE E 100 11.28 -6.54 23.81
C ILE E 100 10.72 -7.52 24.86
N ARG E 101 11.32 -8.68 24.97
CA ARG E 101 10.98 -9.62 26.03
C ARG E 101 11.71 -9.18 27.30
N ILE E 102 10.97 -8.85 28.35
CA ILE E 102 11.57 -8.22 29.53
C ILE E 102 12.52 -9.19 30.24
N ARG E 103 12.19 -10.49 30.31
CA ARG E 103 13.02 -11.44 31.08
C ARG E 103 14.42 -11.56 30.48
N THR E 104 14.50 -11.62 29.16
CA THR E 104 15.77 -11.94 28.55
C THR E 104 16.41 -10.80 27.79
N GLY E 105 15.64 -9.74 27.49
CA GLY E 105 16.08 -8.66 26.60
C GLY E 105 16.09 -8.98 25.11
N GLU E 106 15.49 -10.11 24.74
CA GLU E 106 15.38 -10.50 23.35
C GLU E 106 14.41 -9.53 22.60
N LYS E 107 14.55 -9.43 21.29
CA LYS E 107 13.85 -8.40 20.51
C LYS E 107 13.16 -8.94 19.25
N ASN E 108 12.08 -8.28 18.86
CA ASN E 108 11.39 -8.56 17.58
C ASN E 108 10.97 -9.99 17.31
N ALA E 109 11.34 -10.50 16.12
CA ALA E 109 10.93 -11.83 15.69
C ALA E 109 11.08 -12.91 16.78
N ASP E 110 12.07 -12.72 17.67
CA ASP E 110 12.37 -13.67 18.77
C ASP E 110 11.64 -13.36 20.08
N ALA E 111 11.01 -12.17 20.15
CA ALA E 111 10.24 -11.74 21.31
C ALA E 111 8.70 -11.92 21.09
N ILE E 112 8.34 -12.60 20.01
CA ILE E 112 6.94 -12.79 19.65
C ILE E 112 6.66 -14.27 19.44
N MET F 1 -6.03 6.56 7.93
CA MET F 1 -6.70 6.08 9.19
C MET F 1 -5.86 6.38 10.41
N LYS F 2 -6.47 6.99 11.41
CA LYS F 2 -5.75 7.25 12.61
C LYS F 2 -6.54 6.79 13.82
N LYS F 3 -5.83 6.34 14.84
CA LYS F 3 -6.41 6.17 16.17
C LYS F 3 -6.17 7.40 16.98
N ILE F 4 -7.22 7.94 17.60
CA ILE F 4 -7.06 9.02 18.58
C ILE F 4 -7.34 8.46 19.98
N GLU F 5 -6.33 8.52 20.84
CA GLU F 5 -6.40 8.11 22.20
C GLU F 5 -6.45 9.33 23.06
N ALA F 6 -7.54 9.51 23.81
CA ALA F 6 -7.61 10.67 24.67
C ALA F 6 -7.79 10.22 26.10
N ILE F 7 -6.93 10.72 27.00
CA ILE F 7 -7.08 10.49 28.44
C ILE F 7 -7.74 11.72 29.06
N ILE F 8 -8.92 11.57 29.63
CA ILE F 8 -9.70 12.71 30.12
C ILE F 8 -10.13 12.45 31.59
N ARG F 9 -10.68 13.48 32.25
CA ARG F 9 -11.36 13.30 33.55
C ARG F 9 -12.60 12.43 33.41
N PRO F 10 -12.87 11.49 34.38
CA PRO F 10 -14.06 10.65 34.19
C PRO F 10 -15.37 11.42 34.01
N PHE F 11 -15.58 12.52 34.74
CA PHE F 11 -16.90 13.16 34.68
C PHE F 11 -17.11 13.88 33.38
N LYS F 12 -16.06 13.99 32.56
CA LYS F 12 -16.21 14.61 31.23
C LYS F 12 -16.64 13.68 30.12
N LEU F 13 -16.87 12.42 30.43
CA LEU F 13 -17.31 11.46 29.42
C LEU F 13 -18.58 11.90 28.66
N ASP F 14 -19.58 12.35 29.41
CA ASP F 14 -20.82 12.66 28.75
C ASP F 14 -20.62 13.81 27.78
N GLU F 15 -20.02 14.91 28.21
CA GLU F 15 -19.77 16.05 27.30
C GLU F 15 -19.00 15.66 26.03
N VAL F 16 -17.96 14.85 26.18
CA VAL F 16 -17.21 14.39 25.03
C VAL F 16 -17.99 13.48 24.12
N LYS F 17 -18.78 12.60 24.68
CA LYS F 17 -19.61 11.72 23.86
C LYS F 17 -20.63 12.55 23.03
N ILE F 18 -21.30 13.49 23.68
CA ILE F 18 -22.31 14.32 23.04
C ILE F 18 -21.66 15.12 21.91
N ALA F 19 -20.51 15.73 22.19
CA ALA F 19 -19.84 16.55 21.19
C ALA F 19 -19.36 15.69 19.97
N LEU F 20 -19.00 14.44 20.24
CA LEU F 20 -18.55 13.59 19.17
C LEU F 20 -19.73 13.10 18.32
N VAL F 21 -20.78 12.66 18.98
CA VAL F 21 -21.88 12.10 18.25
C VAL F 21 -22.58 13.22 17.47
N ASN F 22 -22.70 14.42 18.06
CA ASN F 22 -23.24 15.58 17.32
C ASN F 22 -22.41 15.93 16.09
N ALA F 23 -21.13 15.57 16.08
CA ALA F 23 -20.26 15.90 14.96
C ALA F 23 -20.14 14.71 14.01
N GLY F 24 -21.02 13.71 14.14
CA GLY F 24 -20.99 12.56 13.23
C GLY F 24 -19.90 11.55 13.52
N ILE F 25 -19.10 11.76 14.56
CA ILE F 25 -18.13 10.76 14.93
C ILE F 25 -18.85 9.74 15.80
N VAL F 26 -19.14 8.56 15.26
CA VAL F 26 -20.00 7.58 15.92
C VAL F 26 -19.35 6.17 16.04
N GLY F 27 -18.50 6.03 17.04
CA GLY F 27 -17.80 4.76 17.32
C GLY F 27 -16.70 5.17 18.24
N MET F 28 -16.68 4.58 19.44
CA MET F 28 -15.59 4.85 20.40
C MET F 28 -15.51 3.74 21.42
N THR F 29 -14.35 3.66 22.07
CA THR F 29 -14.08 2.63 23.03
C THR F 29 -13.57 3.33 24.26
N VAL F 30 -14.14 2.97 25.42
CA VAL F 30 -13.82 3.61 26.72
C VAL F 30 -13.29 2.55 27.74
N SER F 31 -12.24 2.91 28.49
CA SER F 31 -11.52 2.01 29.44
C SER F 31 -11.27 2.87 30.66
N GLU F 32 -11.38 2.28 31.84
CA GLU F 32 -10.96 2.94 33.08
C GLU F 32 -9.44 2.79 33.20
N VAL F 33 -8.72 3.87 33.49
CA VAL F 33 -7.25 3.79 33.61
C VAL F 33 -6.84 4.63 34.81
N ARG F 34 -5.56 4.51 35.22
CA ARG F 34 -4.99 5.41 36.21
C ARG F 34 -3.77 6.07 35.57
N GLY F 35 -3.48 7.31 35.93
CA GLY F 35 -2.28 7.91 35.38
C GLY F 35 -1.79 9.11 36.16
N PHE F 36 -0.60 9.57 35.82
CA PHE F 36 -0.18 10.89 36.21
C PHE F 36 0.51 11.56 35.01
N GLY F 37 0.62 12.88 35.10
CA GLY F 37 1.28 13.68 34.10
C GLY F 37 2.47 14.37 34.75
N ARG F 38 2.76 15.59 34.29
CA ARG F 38 3.98 16.31 34.68
C ARG F 38 4.01 16.63 36.15
N GLN F 39 2.83 16.88 36.74
CA GLN F 39 2.77 17.23 38.18
C GLN F 39 2.65 16.02 39.11
N LYS F 40 2.93 14.84 38.55
CA LYS F 40 2.95 13.56 39.29
C LYS F 40 1.80 13.25 40.26
N GLY F 41 0.58 13.54 39.84
CA GLY F 41 -0.61 13.18 40.63
C GLY F 41 -0.87 14.14 41.79
N GLN F 42 -0.19 15.28 41.78
CA GLN F 42 -0.39 16.24 42.85
C GLN F 42 -1.40 17.33 42.49
N THR F 43 -2.64 17.18 42.98
CA THR F 43 -3.56 18.23 43.59
C THR F 43 -5.04 18.14 43.24
N GLU F 50 12.03 15.71 45.54
CA GLU F 50 11.75 15.40 46.94
C GLU F 50 10.44 14.64 47.18
N TYR F 51 9.68 14.33 46.14
CA TYR F 51 8.22 14.10 46.32
C TYR F 51 7.65 12.70 46.13
N THR F 52 6.37 12.56 46.47
CA THR F 52 5.56 11.38 46.21
C THR F 52 5.01 11.38 44.78
N VAL F 53 4.88 10.21 44.20
CA VAL F 53 4.30 10.12 42.88
C VAL F 53 3.05 9.26 42.98
N GLU F 54 1.92 9.82 42.63
CA GLU F 54 0.63 9.09 42.67
C GLU F 54 -0.16 9.08 41.39
N PHE F 55 -1.04 8.09 41.32
CA PHE F 55 -1.93 7.81 40.21
C PHE F 55 -3.36 8.32 40.43
N LEU F 56 -3.92 9.01 39.46
CA LEU F 56 -5.29 9.45 39.60
C LEU F 56 -6.16 8.72 38.60
N GLN F 57 -7.44 8.56 38.91
CA GLN F 57 -8.37 7.86 38.02
C GLN F 57 -8.62 8.69 36.75
N LYS F 58 -8.43 8.09 35.58
CA LYS F 58 -8.77 8.75 34.30
C LYS F 58 -9.63 7.85 33.42
N LEU F 59 -10.19 8.39 32.34
CA LEU F 59 -10.81 7.54 31.29
C LEU F 59 -10.08 7.68 30.01
N LYS F 60 -9.99 6.56 29.32
CA LYS F 60 -9.31 6.55 28.06
C LYS F 60 -10.35 6.32 27.00
N LEU F 61 -10.45 7.25 26.04
CA LEU F 61 -11.34 7.09 24.87
C LEU F 61 -10.50 6.70 23.66
N GLU F 62 -10.88 5.65 22.95
CA GLU F 62 -10.18 5.36 21.69
C GLU F 62 -11.14 5.52 20.56
N ILE F 63 -10.73 6.36 19.61
CA ILE F 63 -11.55 6.60 18.47
C ILE F 63 -10.74 6.47 17.19
N VAL F 64 -11.18 5.60 16.30
CA VAL F 64 -10.51 5.42 15.02
C VAL F 64 -11.30 6.15 13.95
N VAL F 65 -10.64 7.02 13.20
CA VAL F 65 -11.28 7.82 12.14
C VAL F 65 -10.41 7.88 10.88
N GLU F 66 -11.04 8.33 9.77
CA GLU F 66 -10.35 8.65 8.51
C GLU F 66 -9.46 9.87 8.77
N ASP F 67 -8.40 10.00 8.01
CA ASP F 67 -7.48 11.15 8.13
C ASP F 67 -8.19 12.50 8.14
N ALA F 68 -9.17 12.67 7.27
CA ALA F 68 -9.85 13.99 7.15
C ALA F 68 -10.63 14.41 8.42
N GLN F 69 -10.90 13.44 9.31
CA GLN F 69 -11.66 13.72 10.54
C GLN F 69 -10.84 13.98 11.81
N VAL F 70 -9.55 13.66 11.79
CA VAL F 70 -8.65 13.82 12.94
C VAL F 70 -8.74 15.21 13.66
N ASP F 71 -8.65 16.29 12.90
CA ASP F 71 -8.74 17.64 13.47
C ASP F 71 -10.05 17.95 14.17
N THR F 72 -11.14 17.52 13.56
CA THR F 72 -12.47 17.54 14.17
C THR F 72 -12.56 16.80 15.52
N VAL F 73 -12.13 15.54 15.55
CA VAL F 73 -12.24 14.80 16.77
C VAL F 73 -11.35 15.52 17.81
N ILE F 74 -10.12 15.89 17.46
CA ILE F 74 -9.35 16.61 18.47
C ILE F 74 -10.04 17.88 18.99
N ASP F 75 -10.52 18.74 18.09
CA ASP F 75 -11.14 20.00 18.54
C ASP F 75 -12.30 19.71 19.49
N LYS F 76 -13.13 18.74 19.11
CA LYS F 76 -14.29 18.34 19.90
C LYS F 76 -13.89 17.77 21.25
N ILE F 77 -12.88 16.90 21.28
CA ILE F 77 -12.48 16.36 22.55
C ILE F 77 -11.90 17.47 23.39
N VAL F 78 -10.95 18.23 22.84
CA VAL F 78 -10.34 19.35 23.60
C VAL F 78 -11.41 20.27 24.20
N ALA F 79 -12.35 20.74 23.40
CA ALA F 79 -13.31 21.76 23.90
C ALA F 79 -14.22 21.16 24.94
N ALA F 80 -14.58 19.88 24.76
CA ALA F 80 -15.48 19.20 25.73
C ALA F 80 -14.84 18.90 27.08
N ALA F 81 -13.56 18.51 27.07
CA ALA F 81 -12.88 17.93 28.25
C ALA F 81 -12.14 18.95 29.12
N ARG F 82 -11.81 20.09 28.54
CA ARG F 82 -10.91 21.02 29.19
C ARG F 82 -11.69 21.76 30.26
N THR F 83 -11.00 22.23 31.30
CA THR F 83 -11.64 22.91 32.47
C THR F 83 -10.71 24.02 32.91
N GLY F 84 -9.50 24.02 32.36
CA GLY F 84 -8.54 25.06 32.71
C GLY F 84 -7.64 24.72 33.87
N GLU F 85 -7.77 23.52 34.42
CA GLU F 85 -7.02 23.05 35.60
C GLU F 85 -6.08 21.91 35.21
N ILE F 86 -4.93 21.84 35.84
CA ILE F 86 -3.96 20.81 35.52
C ILE F 86 -4.65 19.44 35.59
N GLY F 87 -4.30 18.58 34.65
CA GLY F 87 -4.79 17.18 34.66
C GLY F 87 -6.02 17.01 33.80
N ASP F 88 -6.27 18.00 32.94
CA ASP F 88 -7.35 17.94 31.97
C ASP F 88 -7.22 16.84 30.94
N GLY F 89 -6.00 16.35 30.70
CA GLY F 89 -5.91 15.28 29.72
C GLY F 89 -4.87 15.41 28.63
N LYS F 90 -4.68 14.34 27.89
CA LYS F 90 -3.66 14.34 26.86
C LYS F 90 -4.17 13.49 25.73
N ILE F 91 -3.88 13.87 24.50
CA ILE F 91 -4.36 13.13 23.29
C ILE F 91 -3.18 12.57 22.47
N PHE F 92 -3.27 11.31 22.03
CA PHE F 92 -2.19 10.76 21.20
C PHE F 92 -2.75 10.25 19.90
N VAL F 93 -2.17 10.67 18.77
CA VAL F 93 -2.72 10.22 17.48
C VAL F 93 -1.79 9.21 16.91
N SER F 94 -2.29 8.06 16.46
CA SER F 94 -1.36 7.07 15.88
C SER F 94 -1.92 6.43 14.59
N PRO F 95 -1.05 5.88 13.72
CA PRO F 95 -1.60 5.31 12.49
C PRO F 95 -2.40 4.04 12.67
N VAL F 96 -3.43 3.87 11.82
CA VAL F 96 -4.08 2.59 11.69
C VAL F 96 -3.89 2.15 10.22
N ASP F 97 -3.29 0.98 10.03
CA ASP F 97 -3.02 0.38 8.72
C ASP F 97 -4.28 -0.22 8.13
N GLN F 98 -5.18 -0.73 8.97
CA GLN F 98 -6.29 -1.52 8.44
C GLN F 98 -7.40 -1.63 9.50
N THR F 99 -8.67 -1.47 9.08
CA THR F 99 -9.84 -1.62 9.93
C THR F 99 -10.74 -2.74 9.36
N ILE F 100 -11.30 -3.59 10.20
CA ILE F 100 -12.20 -4.66 9.71
C ILE F 100 -13.45 -4.76 10.57
N ARG F 101 -14.62 -4.69 9.92
CA ARG F 101 -15.88 -4.84 10.62
C ARG F 101 -16.16 -6.33 10.67
N ILE F 102 -16.30 -6.90 11.86
CA ILE F 102 -16.41 -8.39 12.05
C ILE F 102 -17.67 -9.03 11.46
N ARG F 103 -18.83 -8.39 11.66
CA ARG F 103 -20.08 -8.92 11.12
C ARG F 103 -19.97 -9.16 9.59
N THR F 104 -19.44 -8.21 8.84
CA THR F 104 -19.57 -8.19 7.39
C THR F 104 -18.27 -8.50 6.66
N GLY F 105 -17.15 -8.32 7.33
CA GLY F 105 -15.86 -8.40 6.64
C GLY F 105 -15.42 -7.13 5.93
N GLU F 106 -16.22 -6.07 5.97
CA GLU F 106 -15.88 -4.84 5.26
C GLU F 106 -14.57 -4.25 5.79
N LYS F 107 -13.76 -3.69 4.89
CA LYS F 107 -12.46 -3.16 5.30
C LYS F 107 -12.41 -1.65 5.19
N ASN F 108 -11.48 -1.07 5.94
CA ASN F 108 -11.11 0.35 5.84
C ASN F 108 -12.19 1.44 5.91
N ALA F 109 -12.17 2.40 4.99
CA ALA F 109 -13.18 3.47 5.00
C ALA F 109 -14.64 2.95 5.23
N ASP F 110 -15.01 1.84 4.59
CA ASP F 110 -16.35 1.25 4.74
C ASP F 110 -16.64 0.74 6.17
N ALA F 111 -15.57 0.48 6.92
CA ALA F 111 -15.67 -0.09 8.28
C ALA F 111 -15.57 1.00 9.36
N ILE F 112 -15.42 2.25 8.91
CA ILE F 112 -15.39 3.39 9.80
C ILE F 112 -16.62 4.30 9.64
N SER F 113 -17.15 4.40 8.42
CA SER F 113 -18.26 5.33 8.12
C SER F 113 -19.56 4.86 8.77
PG ATP G . -4.21 16.87 -32.13
O1G ATP G . -5.61 17.35 -32.37
O2G ATP G . -3.33 17.90 -31.54
O3G ATP G . -3.57 16.16 -33.32
PB ATP G . -4.89 14.27 -31.26
O1B ATP G . -5.21 14.00 -32.68
O2B ATP G . -5.93 13.82 -30.25
O3B ATP G . -4.40 15.77 -30.98
PA ATP G . -2.18 13.50 -31.68
O1A ATP G . -1.23 14.55 -31.16
O2A ATP G . -2.35 13.43 -33.11
O3A ATP G . -3.54 13.44 -30.88
O5' ATP G . -1.62 12.05 -31.33
C5' ATP G . -0.23 11.73 -31.36
C4' ATP G . 0.05 10.24 -31.39
O4' ATP G . -0.37 9.65 -30.17
C3' ATP G . -0.69 9.43 -32.44
O3' ATP G . -0.07 9.42 -33.72
C2' ATP G . -0.75 8.05 -31.86
O2' ATP G . 0.53 7.43 -31.86
C1' ATP G . -0.99 8.37 -30.41
N9 ATP G . -2.41 8.41 -29.96
C8 ATP G . -3.30 9.43 -30.08
N7 ATP G . -4.46 9.08 -29.48
C5 ATP G . -4.31 7.84 -28.96
C6 ATP G . -5.15 6.89 -28.22
N6 ATP G . -6.43 7.21 -27.86
N1 ATP G . -4.62 5.70 -27.91
C2 ATP G . -3.35 5.36 -28.22
N3 ATP G . -2.56 6.16 -28.92
C4 ATP G . -2.97 7.40 -29.30
C1 AKG H . -3.52 12.71 -36.29
O1 AKG H . -3.52 11.73 -37.05
O2 AKG H . -4.17 12.73 -35.21
C2 AKG H . -2.74 13.90 -36.65
O5 AKG H . -2.76 14.80 -35.82
C3 AKG H . -1.97 14.03 -37.98
C4 AKG H . -0.80 15.04 -37.90
C5 AKG H . 0.47 14.44 -37.31
O3 AKG H . 1.51 15.12 -37.36
O4 AKG H . 0.47 13.29 -36.78
MG MG I . -4.01 14.57 -34.19
PG ATP J . -2.99 -19.61 -29.18
O1G ATP J . -3.16 -20.93 -28.49
O2G ATP J . -4.16 -19.05 -29.96
O3G ATP J . -1.72 -19.41 -29.99
PB ATP J . -1.52 -18.17 -27.11
O1B ATP J . -0.33 -18.99 -27.58
O2B ATP J . -1.76 -18.11 -25.61
O3B ATP J . -2.85 -18.57 -27.93
PA ATP J . -0.65 -16.28 -28.94
O1A ATP J . -1.84 -15.93 -29.77
O2A ATP J . 0.30 -17.29 -29.52
O3A ATP J . -1.16 -16.63 -27.47
O5' ATP J . 0.21 -14.95 -28.57
C5' ATP J . 0.56 -14.02 -29.60
C4' ATP J . 1.63 -13.05 -29.07
O4' ATP J . 1.19 -12.36 -27.86
C3' ATP J . 2.91 -13.76 -28.62
O3' ATP J . 3.74 -14.00 -29.76
C2' ATP J . 3.52 -12.73 -27.67
O2' ATP J . 3.95 -11.55 -28.39
C1' ATP J . 2.29 -12.26 -26.95
N9 ATP J . 1.98 -12.95 -25.68
C8 ATP J . 1.28 -14.09 -25.52
N7 ATP J . 1.16 -14.43 -24.23
C5 ATP J . 1.83 -13.50 -23.53
C6 ATP J . 2.09 -13.19 -22.11
N6 ATP J . 1.55 -14.09 -21.09
N1 ATP J . 2.81 -12.06 -21.78
C2 ATP J . 3.29 -11.25 -22.73
N3 ATP J . 3.08 -11.48 -24.05
C4 ATP J . 2.36 -12.54 -24.49
C1 AKG K . 3.10 -19.39 -30.02
O1 AKG K . 4.35 -19.25 -29.89
O2 AKG K . 2.36 -19.37 -29.01
C2 AKG K . 2.48 -19.59 -31.34
O5 AKG K . 1.27 -19.63 -31.37
C3 AKG K . 3.27 -19.77 -32.64
C4 AKG K . 2.43 -19.42 -33.89
C5 AKG K . 2.44 -17.93 -34.22
O3 AKG K . 1.94 -17.58 -35.31
O4 AKG K . 2.89 -17.05 -33.42
MG MG L . 0.27 -19.37 -29.29
PG ATP M . 22.43 1.06 -12.52
O1G ATP M . 22.96 1.97 -11.46
O2G ATP M . 22.61 -0.43 -12.17
O3G ATP M . 22.80 1.45 -13.88
PB ATP M . 19.94 2.43 -13.22
O1B ATP M . 20.78 3.47 -13.85
O2B ATP M . 18.87 2.82 -12.20
O3B ATP M . 20.80 1.30 -12.49
PA ATP M . 19.94 0.99 -15.72
O1A ATP M . 20.11 -0.47 -15.41
O2A ATP M . 21.09 1.81 -16.22
O3A ATP M . 19.22 1.60 -14.41
O5' ATP M . 18.69 1.19 -16.72
C5' ATP M . 18.59 0.30 -17.84
C4' ATP M . 17.53 0.86 -18.78
O4' ATP M . 16.23 0.81 -18.14
C3' ATP M . 17.79 2.29 -19.22
O3' ATP M . 18.66 2.33 -20.37
C2' ATP M . 16.40 2.68 -19.61
O2' ATP M . 16.04 2.09 -20.88
C1' ATP M . 15.54 1.95 -18.60
N9 ATP M . 15.26 2.77 -17.42
C8 ATP M . 16.04 2.94 -16.34
N7 ATP M . 15.45 3.80 -15.47
C5 ATP M . 14.24 4.11 -15.99
C6 ATP M . 13.08 4.94 -15.58
N6 ATP M . 13.09 5.56 -14.38
N1 ATP M . 12.03 5.02 -16.44
C2 ATP M . 12.02 4.39 -17.63
N3 ATP M . 13.04 3.62 -18.08
C4 ATP M . 14.14 3.45 -17.29
C1 AKG N . 22.82 4.39 -17.47
O1 AKG N . 22.65 5.18 -18.43
O2 AKG N . 22.11 4.44 -16.40
C2 AKG N . 23.87 3.34 -17.59
O5 AKG N . 23.92 2.52 -16.63
C3 AKG N . 24.76 3.25 -18.84
C4 AKG N . 25.53 1.90 -19.03
C5 AKG N . 24.71 0.84 -19.78
O3 AKG N . 25.20 -0.28 -20.13
O4 AKG N . 23.52 1.12 -20.02
MG MG O . 22.46 2.87 -15.21
PG ATP P . 8.78 -15.34 28.93
O1G ATP P . 9.32 -16.51 28.16
O2G ATP P . 9.81 -14.55 29.71
O3G ATP P . 7.56 -15.59 29.74
PB ATP P . 6.88 -14.45 26.88
O1B ATP P . 6.11 -15.72 27.21
O2B ATP P . 7.13 -14.25 25.37
O3B ATP P . 8.27 -14.34 27.73
PA ATP P . 5.50 -13.04 28.89
O1A ATP P . 6.42 -12.31 29.78
O2A ATP P . 4.88 -14.32 29.35
O3A ATP P . 6.01 -13.21 27.35
O5' ATP P . 4.27 -12.06 28.51
C5' ATP P . 3.80 -11.12 29.46
C4' ATP P . 2.39 -10.66 29.06
O4' ATP P . 2.59 -9.84 27.91
C3' ATP P . 1.39 -11.71 28.60
O3' ATP P . 0.63 -12.21 29.71
C2' ATP P . 0.46 -10.89 27.69
O2' ATP P . -0.41 -9.97 28.35
C1' ATP P . 1.46 -9.98 27.03
N9 ATP P . 1.97 -10.58 25.76
C8 ATP P . 2.99 -11.46 25.66
N7 ATP P . 3.23 -11.77 24.36
C5 ATP P . 2.32 -11.09 23.63
C6 ATP P . 1.98 -10.93 22.22
N6 ATP P . 2.62 -11.50 20.96
N1 ATP P . 0.96 -10.07 21.89
C2 ATP P . 0.25 -9.40 22.79
N3 ATP P . 0.50 -9.49 24.11
C4 ATP P . 1.48 -10.32 24.57
C1 AKG Q . 3.01 -17.13 29.77
O1 AKG Q . 1.80 -17.45 29.60
O2 AKG Q . 3.75 -16.77 28.83
C2 AKG Q . 3.65 -17.11 31.10
O5 AKG Q . 4.79 -16.64 31.16
C3 AKG Q . 2.97 -17.69 32.35
C4 AKG Q . 3.62 -17.12 33.61
C5 AKG Q . 3.19 -15.68 33.88
O3 AKG Q . 3.37 -15.27 35.02
O4 AKG Q . 2.66 -14.94 32.98
MG MG R . 5.74 -16.21 29.20
PG ATP S . -22.07 -3.34 13.01
O1G ATP S . -23.00 -2.70 12.05
O2G ATP S . -21.74 -4.76 12.62
O3G ATP S . -22.53 -3.14 14.46
PB ATP S . -20.24 -1.24 13.67
O1B ATP S . -21.42 -0.57 14.40
O2B ATP S . -19.52 -0.38 12.68
O3B ATP S . -20.66 -2.53 12.84
PA ATP S . -19.54 -2.76 16.04
O1A ATP S . -19.40 -4.22 15.76
O2A ATP S . -20.83 -2.23 16.61
O3A ATP S . -19.18 -1.76 14.78
O5' ATP S . -18.36 -2.34 17.04
C5' ATP S . -18.15 -3.01 18.27
C4' ATP S . -17.33 -2.15 19.21
O4' ATP S . -16.15 -1.70 18.53
C3' ATP S . -18.00 -0.91 19.77
O3' ATP S . -18.73 -1.22 20.95
C2' ATP S . -16.81 -0.06 20.15
O2' ATP S . -16.25 -0.52 21.39
C1' ATP S . -15.80 -0.42 19.08
N9 ATP S . -15.72 0.50 17.93
C8 ATP S . -16.46 0.41 16.81
N7 ATP S . -16.13 1.39 15.95
C5 ATP S . -15.14 2.07 16.51
C6 ATP S . -14.32 3.22 16.12
N6 ATP S . -14.54 3.73 14.91
N1 ATP S . -13.37 3.70 16.99
C2 ATP S . -13.21 3.14 18.22
N3 ATP S . -13.92 2.07 18.64
C4 ATP S . -14.87 1.51 17.84
C1 AKG T . -23.50 -0.40 18.14
O1 AKG T . -23.64 0.38 19.09
O2 AKG T . -22.85 -0.06 17.13
C2 AKG T . -24.10 -1.75 18.22
O5 AKG T . -23.82 -2.54 17.32
C3 AKG T . -25.05 -2.14 19.34
C4 AKG T . -25.21 -3.64 19.43
C5 AKG T . -24.06 -4.28 20.20
O3 AKG T . -24.17 -5.51 20.54
O4 AKG T . -23.03 -3.57 20.42
MG MG U . -22.71 -1.62 15.74
PG ATP V . -1.28 19.65 32.57
O1G ATP V . -0.05 20.47 32.86
O2G ATP V . -2.39 20.39 31.88
O3G ATP V . -1.67 18.87 33.80
PB ATP V . 0.17 17.30 31.69
O1B ATP V . 0.54 17.09 33.10
O2B ATP V . 1.19 17.09 30.57
O3B ATP V . -0.70 18.65 31.41
PA ATP V . -2.25 15.77 32.27
O1A ATP V . -3.46 16.46 31.76
O2A ATP V . -2.02 15.85 33.75
O3A ATP V . -0.98 16.18 31.32
O5' ATP V . -2.45 14.18 31.88
C5' ATP V . -3.70 13.49 32.03
C4' ATP V . -3.45 11.98 31.94
O4' ATP V . -2.84 11.66 30.70
C3' ATP V . -2.42 11.47 32.96
O3' ATP V . -2.93 11.18 34.26
C2' ATP V . -1.87 10.22 32.30
O2' ATP V . -2.86 9.17 32.32
C1' ATP V . -1.87 10.63 30.84
N9 ATP V . -0.54 11.11 30.38
C8 ATP V . -0.03 12.35 30.51
N7 ATP V . 1.18 12.38 29.91
C5 ATP V . 1.48 11.16 29.43
C6 ATP V . 2.59 10.51 28.68
N6 ATP V . 3.69 11.19 28.31
N1 ATP V . 2.46 9.22 28.34
C2 ATP V . 1.37 8.49 28.68
N3 ATP V . 0.34 9.02 29.38
C4 ATP V . 0.33 10.33 29.74
C1 AKG W . -0.64 15.44 36.87
O1 AKG W . -0.39 14.41 37.53
O2 AKG W . -0.06 15.77 35.78
C2 AKG W . -1.76 16.27 37.24
O5 AKG W . -2.07 17.12 36.40
C3 AKG W . -2.54 15.98 38.49
C4 AKG W . -3.89 16.69 38.41
C5 AKG W . -4.90 15.69 37.87
O3 AKG W . -6.10 15.89 38.18
O4 AKG W . -4.50 14.71 37.17
MG MG X . -0.74 17.25 34.79
#